data_6PEJ
#
_entry.id   6PEJ
#
_cell.length_a   83.298
_cell.length_b   88.298
_cell.length_c   87.317
_cell.angle_alpha   90.000
_cell.angle_beta   117.390
_cell.angle_gamma   90.000
#
_symmetry.space_group_name_H-M   'P 1 21 1'
#
loop_
_entity.id
_entity.type
_entity.pdbx_description
1 polymer 'Sorbitol dehydrogenase (L-iditol 2-dehydrogenase)'
2 non-polymer sorbitol
3 water water
#
_entity_poly.entity_id   1
_entity_poly.type   'polypeptide(L)'
_entity_poly.pdbx_seq_one_letter_code
;MGSSHHHHHHSSGLVPRGSHMASMTGGQQMGRGSMKRLEGKSALITGSARGIGRAFAEAYVREGATVAIADIDIERARQA
AAEIGPAAYAVQMDVTRQDSIDAAIAATVEHAGGLDILVNNAALFDLAPIVEITRESYEKLFAINVAGTLFTLQAAARQM
IAQGRGGKIINMASQAGRRGEALVAIYCATKAAVISLTQSAGLDLIKHRINVNAIAPGVVDGEHWDGVDALFARYENRPR
GEKKRLVGEAVPFGRMGTAEDLTGMAIFLASAESDYIVSQTYNVDGGNWMS
;
_entity_poly.pdbx_strand_id   A,B,C,D
#
loop_
_chem_comp.id
_chem_comp.type
_chem_comp.name
_chem_comp.formula
SOR D-saccharide sorbitol 'C6 H14 O6'
#
# COMPACT_ATOMS: atom_id res chain seq x y z
N MET A 35 -23.98 -26.02 -5.81
CA MET A 35 -23.79 -24.64 -6.35
C MET A 35 -23.39 -24.73 -7.83
N LYS A 36 -22.28 -25.40 -8.12
CA LYS A 36 -21.84 -25.76 -9.50
C LYS A 36 -21.34 -24.52 -10.25
N ARG A 37 -20.73 -23.60 -9.50
CA ARG A 37 -20.10 -22.37 -10.02
C ARG A 37 -18.96 -22.67 -10.99
N LEU A 38 -18.32 -23.81 -10.91
CA LEU A 38 -17.17 -24.12 -11.82
C LEU A 38 -17.50 -25.29 -12.78
N GLU A 39 -18.81 -25.46 -13.10
CA GLU A 39 -19.37 -26.66 -13.80
C GLU A 39 -18.67 -26.80 -15.14
N GLY A 40 -18.08 -27.97 -15.40
CA GLY A 40 -17.35 -28.30 -16.64
C GLY A 40 -16.10 -27.46 -16.82
N LYS A 41 -15.55 -26.83 -15.78
CA LYS A 41 -14.22 -26.24 -15.98
C LYS A 41 -13.17 -27.30 -15.71
N SER A 42 -12.00 -27.07 -16.29
CA SER A 42 -10.78 -27.87 -16.11
C SER A 42 -9.77 -27.08 -15.30
N ALA A 43 -9.39 -27.51 -14.09
CA ALA A 43 -8.44 -26.76 -13.24
C ALA A 43 -7.17 -27.57 -13.07
N LEU A 44 -6.05 -26.88 -12.85
CA LEU A 44 -4.85 -27.49 -12.29
C LEU A 44 -4.41 -26.69 -11.05
N ILE A 45 -4.11 -27.39 -9.94
CA ILE A 45 -3.62 -26.75 -8.68
C ILE A 45 -2.24 -27.30 -8.39
N THR A 46 -1.20 -26.45 -8.29
CA THR A 46 0.15 -26.93 -8.02
C THR A 46 0.17 -27.33 -6.56
N GLY A 47 1.01 -28.29 -6.24
CA GLY A 47 1.27 -28.67 -4.84
C GLY A 47 0.01 -29.00 -4.07
N SER A 48 -0.87 -29.85 -4.62
CA SER A 48 -2.25 -30.00 -4.13
C SER A 48 -2.48 -31.39 -3.53
N ALA A 49 -1.43 -32.16 -3.28
CA ALA A 49 -1.54 -33.47 -2.63
C ALA A 49 -2.05 -33.28 -1.20
N ARG A 50 -1.68 -32.18 -0.59
CA ARG A 50 -2.12 -31.93 0.80
C ARG A 50 -2.31 -30.44 1.07
N GLY A 51 -2.75 -30.14 2.31
CA GLY A 51 -3.00 -28.80 2.86
C GLY A 51 -3.99 -27.98 2.04
N ILE A 52 -3.62 -26.75 1.79
CA ILE A 52 -4.59 -25.74 1.25
C ILE A 52 -4.97 -26.18 -0.16
N GLY A 53 -3.97 -26.59 -0.92
CA GLY A 53 -4.14 -26.99 -2.32
C GLY A 53 -5.15 -28.12 -2.41
N ARG A 54 -5.09 -29.06 -1.49
CA ARG A 54 -5.98 -30.25 -1.50
C ARG A 54 -7.40 -29.86 -1.15
N ALA A 55 -7.57 -28.90 -0.23
CA ALA A 55 -8.88 -28.38 0.15
C ALA A 55 -9.43 -27.60 -1.05
N PHE A 56 -8.59 -26.81 -1.75
CA PHE A 56 -9.04 -26.15 -2.99
C PHE A 56 -9.51 -27.22 -3.99
N ALA A 57 -8.71 -28.26 -4.24
CA ALA A 57 -9.07 -29.30 -5.23
C ALA A 57 -10.44 -29.94 -4.82
N GLU A 58 -10.68 -30.19 -3.54
CA GLU A 58 -11.94 -30.77 -3.05
C GLU A 58 -13.11 -29.80 -3.31
N ALA A 59 -12.95 -28.52 -2.99
CA ALA A 59 -14.01 -27.48 -3.14
C ALA A 59 -14.27 -27.30 -4.64
N TYR A 60 -13.24 -27.34 -5.49
CA TYR A 60 -13.45 -27.19 -6.95
C TYR A 60 -14.26 -28.38 -7.50
N VAL A 61 -13.92 -29.58 -7.10
CA VAL A 61 -14.72 -30.76 -7.54
C VAL A 61 -16.19 -30.59 -7.09
N ARG A 62 -16.46 -30.25 -5.84
CA ARG A 62 -17.85 -30.02 -5.37
C ARG A 62 -18.56 -29.03 -6.30
N GLU A 63 -17.84 -28.05 -6.84
CA GLU A 63 -18.43 -26.96 -7.69
C GLU A 63 -18.44 -27.36 -9.17
N GLY A 64 -17.99 -28.57 -9.49
CA GLY A 64 -18.27 -29.22 -10.77
C GLY A 64 -17.07 -29.19 -11.69
N ALA A 65 -15.91 -28.78 -11.16
CA ALA A 65 -14.67 -28.72 -11.93
C ALA A 65 -14.03 -30.11 -12.01
N THR A 66 -13.22 -30.28 -13.04
CA THR A 66 -12.24 -31.37 -13.20
C THR A 66 -10.88 -30.82 -12.77
N VAL A 67 -10.22 -31.51 -11.83
CA VAL A 67 -9.06 -30.94 -11.11
C VAL A 67 -7.88 -31.88 -11.25
N ALA A 68 -6.82 -31.39 -11.87
CA ALA A 68 -5.48 -31.99 -11.85
C ALA A 68 -4.86 -31.65 -10.50
N ILE A 69 -4.63 -32.66 -9.66
CA ILE A 69 -3.97 -32.62 -8.33
C ILE A 69 -2.52 -32.76 -8.68
N ALA A 70 -1.80 -31.66 -8.84
CA ALA A 70 -0.41 -31.66 -9.31
C ALA A 70 0.46 -31.57 -8.06
N ASP A 71 1.46 -32.46 -8.00
CA ASP A 71 2.35 -32.50 -6.84
C ASP A 71 3.62 -33.22 -7.27
N ILE A 72 4.72 -32.86 -6.63
CA ILE A 72 6.00 -33.60 -6.71
C ILE A 72 5.80 -34.96 -6.04
N ASP A 73 4.96 -35.05 -5.01
CA ASP A 73 4.55 -36.34 -4.40
C ASP A 73 3.38 -36.99 -5.15
N ILE A 74 3.68 -37.81 -6.14
CA ILE A 74 2.64 -38.39 -7.02
C ILE A 74 1.88 -39.48 -6.25
N GLU A 75 2.55 -40.20 -5.35
CA GLU A 75 1.93 -41.19 -4.44
C GLU A 75 0.76 -40.52 -3.71
N ARG A 76 1.05 -39.46 -2.97
CA ARG A 76 0.04 -38.70 -2.18
C ARG A 76 -0.98 -38.04 -3.14
N ALA A 77 -0.58 -37.57 -4.31
CA ALA A 77 -1.52 -36.93 -5.27
C ALA A 77 -2.54 -38.00 -5.74
N ARG A 78 -2.08 -39.21 -5.99
CA ARG A 78 -2.95 -40.36 -6.38
C ARG A 78 -3.94 -40.63 -5.24
N GLN A 79 -3.50 -40.60 -3.99
CA GLN A 79 -4.39 -40.88 -2.84
C GLN A 79 -5.46 -39.80 -2.80
N ALA A 80 -5.05 -38.52 -2.84
CA ALA A 80 -5.96 -37.36 -2.72
C ALA A 80 -7.03 -37.45 -3.81
N ALA A 81 -6.61 -37.73 -5.03
CA ALA A 81 -7.48 -37.84 -6.22
C ALA A 81 -8.54 -38.95 -6.01
N ALA A 82 -8.12 -40.07 -5.41
CA ALA A 82 -8.99 -41.26 -5.21
C ALA A 82 -9.97 -40.92 -4.09
N GLU A 83 -9.49 -40.31 -3.01
CA GLU A 83 -10.37 -39.83 -1.92
C GLU A 83 -11.37 -38.79 -2.48
N ILE A 84 -10.97 -37.88 -3.36
CA ILE A 84 -11.87 -36.76 -3.80
C ILE A 84 -12.95 -37.28 -4.77
N GLY A 85 -12.58 -38.15 -5.70
CA GLY A 85 -13.56 -38.72 -6.62
C GLY A 85 -13.06 -38.73 -8.06
N PRO A 86 -13.88 -39.25 -8.99
CA PRO A 86 -13.52 -39.30 -10.41
C PRO A 86 -13.02 -37.98 -11.02
N ALA A 87 -13.59 -36.83 -10.64
CA ALA A 87 -13.33 -35.52 -11.27
C ALA A 87 -11.94 -35.01 -10.90
N ALA A 88 -11.31 -35.53 -9.86
CA ALA A 88 -9.88 -35.27 -9.58
C ALA A 88 -9.03 -36.41 -10.15
N TYR A 89 -7.83 -36.07 -10.57
CA TYR A 89 -6.82 -36.98 -11.14
C TYR A 89 -5.47 -36.36 -10.81
N ALA A 90 -4.45 -37.22 -10.72
CA ALA A 90 -3.14 -36.91 -10.11
C ALA A 90 -2.14 -36.61 -11.23
N VAL A 91 -1.27 -35.63 -11.03
CA VAL A 91 -0.28 -35.25 -12.06
C VAL A 91 1.04 -34.97 -11.34
N GLN A 92 2.09 -35.63 -11.79
CA GLN A 92 3.41 -35.47 -11.19
C GLN A 92 3.96 -34.16 -11.73
N MET A 93 4.40 -33.27 -10.86
CA MET A 93 4.89 -31.97 -11.33
C MET A 93 5.91 -31.45 -10.34
N ASP A 94 6.99 -30.94 -10.87
CA ASP A 94 8.04 -30.10 -10.20
C ASP A 94 8.04 -28.79 -10.96
N VAL A 95 7.43 -27.76 -10.36
CA VAL A 95 7.32 -26.38 -10.91
C VAL A 95 8.71 -25.76 -11.11
N THR A 96 9.78 -26.34 -10.59
CA THR A 96 11.15 -25.77 -10.77
C THR A 96 11.71 -26.18 -12.13
N ARG A 97 11.01 -27.06 -12.84
CA ARG A 97 11.57 -27.66 -14.09
C ARG A 97 10.64 -27.35 -15.25
N GLN A 98 11.12 -26.65 -16.28
CA GLN A 98 10.32 -26.30 -17.48
C GLN A 98 9.64 -27.57 -18.04
N ASP A 99 10.38 -28.69 -18.14
CA ASP A 99 9.90 -29.91 -18.86
C ASP A 99 8.71 -30.46 -18.07
N SER A 100 8.80 -30.36 -16.74
CA SER A 100 7.76 -30.86 -15.82
C SER A 100 6.53 -29.97 -15.87
N ILE A 101 6.72 -28.67 -15.86
CA ILE A 101 5.62 -27.66 -16.07
C ILE A 101 4.89 -28.04 -17.35
N ASP A 102 5.65 -28.09 -18.45
CA ASP A 102 5.07 -28.25 -19.82
C ASP A 102 4.29 -29.58 -19.91
N ALA A 103 4.81 -30.66 -19.29
CA ALA A 103 4.15 -32.00 -19.27
C ALA A 103 2.89 -31.99 -18.42
N ALA A 104 2.79 -31.22 -17.34
CA ALA A 104 1.55 -31.25 -16.52
C ALA A 104 0.46 -30.50 -17.28
N ILE A 105 0.81 -29.42 -17.96
CA ILE A 105 -0.17 -28.65 -18.81
C ILE A 105 -0.71 -29.57 -19.89
N ALA A 106 0.18 -30.27 -20.59
CA ALA A 106 -0.14 -31.29 -21.62
C ALA A 106 -1.05 -32.37 -21.01
N ALA A 107 -0.73 -32.91 -19.84
CA ALA A 107 -1.48 -33.97 -19.14
C ALA A 107 -2.88 -33.46 -18.84
N THR A 108 -2.99 -32.21 -18.43
CA THR A 108 -4.29 -31.54 -18.19
C THR A 108 -5.11 -31.49 -19.48
N VAL A 109 -4.52 -30.96 -20.53
CA VAL A 109 -5.14 -30.89 -21.87
C VAL A 109 -5.56 -32.31 -22.30
N GLU A 110 -4.67 -33.30 -22.14
CA GLU A 110 -4.94 -34.65 -22.68
C GLU A 110 -6.12 -35.26 -21.92
N HIS A 111 -6.21 -34.98 -20.62
CA HIS A 111 -7.16 -35.65 -19.70
C HIS A 111 -8.47 -34.87 -19.71
N ALA A 112 -8.40 -33.55 -19.55
CA ALA A 112 -9.58 -32.70 -19.34
C ALA A 112 -9.94 -31.96 -20.64
N GLY A 113 -9.12 -32.00 -21.66
CA GLY A 113 -9.49 -31.36 -22.95
C GLY A 113 -8.96 -29.95 -23.02
N GLY A 114 -8.38 -29.47 -21.94
CA GLY A 114 -7.84 -28.11 -21.89
C GLY A 114 -7.69 -27.66 -20.45
N LEU A 115 -7.46 -26.37 -20.27
CA LEU A 115 -7.13 -25.77 -18.96
C LEU A 115 -7.87 -24.43 -18.87
N ASP A 116 -8.73 -24.32 -17.84
CA ASP A 116 -9.55 -23.12 -17.58
C ASP A 116 -9.05 -22.38 -16.34
N ILE A 117 -8.54 -23.09 -15.33
CA ILE A 117 -8.23 -22.55 -13.98
C ILE A 117 -6.88 -23.07 -13.55
N LEU A 118 -5.88 -22.20 -13.40
CA LEU A 118 -4.62 -22.55 -12.72
C LEU A 118 -4.65 -21.93 -11.32
N VAL A 119 -4.29 -22.69 -10.31
CA VAL A 119 -3.99 -22.20 -8.95
C VAL A 119 -2.54 -22.52 -8.66
N ASN A 120 -1.73 -21.48 -8.60
CA ASN A 120 -0.30 -21.55 -8.25
C ASN A 120 -0.16 -21.65 -6.73
N ASN A 121 -0.15 -22.87 -6.19
CA ASN A 121 -0.24 -23.19 -4.74
C ASN A 121 1.10 -23.76 -4.21
N ALA A 122 1.95 -24.31 -5.07
CA ALA A 122 3.23 -24.94 -4.73
C ALA A 122 4.13 -23.88 -4.11
N ALA A 123 4.69 -24.16 -2.96
CA ALA A 123 5.48 -23.16 -2.23
C ALA A 123 6.38 -23.86 -1.24
N LEU A 124 7.45 -23.19 -0.84
CA LEU A 124 8.45 -23.69 0.13
C LEU A 124 8.58 -22.60 1.20
N PHE A 125 8.72 -22.99 2.46
CA PHE A 125 8.94 -22.00 3.55
C PHE A 125 10.31 -22.23 4.14
N ASP A 126 10.94 -21.14 4.60
CA ASP A 126 12.16 -21.28 5.39
C ASP A 126 12.33 -19.96 6.14
N LEU A 127 13.11 -19.97 7.23
CA LEU A 127 13.33 -18.80 8.12
C LEU A 127 14.83 -18.67 8.44
N ALA A 128 15.47 -17.49 8.40
CA ALA A 128 16.83 -17.31 8.94
C ALA A 128 17.07 -15.81 9.12
N PRO A 129 17.78 -15.36 10.17
CA PRO A 129 18.20 -13.95 10.24
C PRO A 129 19.06 -13.60 9.01
N ILE A 130 19.15 -12.32 8.62
CA ILE A 130 19.92 -11.80 7.43
C ILE A 130 21.30 -12.48 7.34
N VAL A 131 22.04 -12.50 8.46
CA VAL A 131 23.49 -12.83 8.44
C VAL A 131 23.66 -14.34 8.39
N GLU A 132 22.56 -15.10 8.49
CA GLU A 132 22.56 -16.58 8.35
C GLU A 132 21.82 -17.08 7.10
N ILE A 133 21.37 -16.20 6.20
CA ILE A 133 20.70 -16.66 4.97
C ILE A 133 21.72 -17.35 4.07
N THR A 134 21.35 -18.52 3.52
CA THR A 134 22.22 -19.31 2.62
C THR A 134 21.83 -19.02 1.16
N ARG A 135 22.78 -19.12 0.24
CA ARG A 135 22.47 -19.10 -1.21
C ARG A 135 21.53 -20.28 -1.52
N GLU A 136 21.67 -21.42 -0.83
CA GLU A 136 20.80 -22.59 -1.05
C GLU A 136 19.35 -22.20 -0.66
N SER A 137 19.14 -21.50 0.46
CA SER A 137 17.77 -21.09 0.91
C SER A 137 17.19 -20.19 -0.18
N TYR A 138 17.95 -19.16 -0.55
CA TYR A 138 17.51 -18.19 -1.59
C TYR A 138 17.15 -18.92 -2.89
N GLU A 139 18.04 -19.81 -3.36
CA GLU A 139 17.85 -20.45 -4.67
C GLU A 139 16.60 -21.33 -4.64
N LYS A 140 16.42 -22.12 -3.60
CA LYS A 140 15.33 -23.15 -3.54
C LYS A 140 13.99 -22.41 -3.33
N LEU A 141 13.93 -21.34 -2.52
CA LEU A 141 12.60 -20.73 -2.28
C LEU A 141 12.23 -19.85 -3.50
N PHE A 142 13.20 -19.17 -4.11
CA PHE A 142 12.87 -18.42 -5.33
C PHE A 142 12.51 -19.38 -6.46
N ALA A 143 13.12 -20.59 -6.52
CA ALA A 143 12.96 -21.51 -7.66
C ALA A 143 11.51 -21.97 -7.63
N ILE A 144 11.00 -22.27 -6.46
CA ILE A 144 9.61 -22.79 -6.46
C ILE A 144 8.60 -21.64 -6.28
N ASN A 145 8.85 -20.69 -5.38
CA ASN A 145 7.81 -19.69 -5.01
C ASN A 145 7.64 -18.65 -6.15
N VAL A 146 8.71 -18.27 -6.85
CA VAL A 146 8.73 -17.18 -7.87
C VAL A 146 8.82 -17.86 -9.24
N ALA A 147 9.95 -18.47 -9.56
CA ALA A 147 10.10 -19.06 -10.89
C ALA A 147 9.00 -20.10 -11.10
N GLY A 148 8.75 -20.99 -10.14
CA GLY A 148 7.69 -22.04 -10.27
C GLY A 148 6.33 -21.43 -10.58
N THR A 149 5.97 -20.30 -9.92
CA THR A 149 4.67 -19.59 -10.08
C THR A 149 4.61 -18.93 -11.49
N LEU A 150 5.66 -18.19 -11.85
CA LEU A 150 5.78 -17.44 -13.12
C LEU A 150 5.73 -18.41 -14.31
N PHE A 151 6.58 -19.45 -14.29
CA PHE A 151 6.74 -20.28 -15.51
C PHE A 151 5.52 -21.22 -15.58
N THR A 152 4.79 -21.47 -14.50
CA THR A 152 3.56 -22.35 -14.58
C THR A 152 2.43 -21.48 -15.12
N LEU A 153 2.40 -20.21 -14.67
CA LEU A 153 1.43 -19.19 -15.13
C LEU A 153 1.63 -18.97 -16.65
N GLN A 154 2.87 -18.81 -17.07
CA GLN A 154 3.22 -18.64 -18.49
C GLN A 154 2.65 -19.80 -19.30
N ALA A 155 3.00 -21.02 -18.88
CA ALA A 155 2.57 -22.25 -19.61
C ALA A 155 1.04 -22.32 -19.65
N ALA A 156 0.35 -22.03 -18.53
CA ALA A 156 -1.11 -22.03 -18.45
C ALA A 156 -1.66 -20.95 -19.36
N ALA A 157 -1.06 -19.75 -19.42
CA ALA A 157 -1.59 -18.61 -20.22
C ALA A 157 -1.47 -18.91 -21.74
N ARG A 158 -0.36 -19.54 -22.15
CA ARG A 158 -0.12 -19.95 -23.54
C ARG A 158 -1.24 -20.93 -23.95
N GLN A 159 -1.56 -21.92 -23.12
CA GLN A 159 -2.68 -22.87 -23.36
C GLN A 159 -4.04 -22.13 -23.39
N MET A 160 -4.25 -21.19 -22.47
CA MET A 160 -5.54 -20.48 -22.42
C MET A 160 -5.66 -19.60 -23.66
N ILE A 161 -4.58 -19.00 -24.09
CA ILE A 161 -4.62 -18.13 -25.28
C ILE A 161 -4.91 -19.02 -26.50
N ALA A 162 -4.19 -20.15 -26.61
CA ALA A 162 -4.35 -21.06 -27.76
C ALA A 162 -5.81 -21.58 -27.80
N GLN A 163 -6.48 -21.79 -26.67
CA GLN A 163 -7.92 -22.24 -26.68
C GLN A 163 -8.87 -21.10 -27.06
N GLY A 164 -8.52 -19.85 -26.76
CA GLY A 164 -9.39 -18.69 -27.03
C GLY A 164 -10.62 -18.61 -26.13
N ARG A 165 -10.68 -19.21 -24.94
CA ARG A 165 -11.94 -19.14 -24.14
C ARG A 165 -11.73 -18.36 -22.85
N GLY A 166 -10.67 -17.55 -22.74
CA GLY A 166 -10.42 -16.96 -21.42
C GLY A 166 -9.91 -18.00 -20.43
N GLY A 167 -9.83 -17.61 -19.18
CA GLY A 167 -9.10 -18.35 -18.15
C GLY A 167 -9.10 -17.63 -16.83
N LYS A 168 -8.79 -18.38 -15.78
CA LYS A 168 -8.67 -17.87 -14.41
C LYS A 168 -7.35 -18.39 -13.87
N ILE A 169 -6.47 -17.48 -13.45
CA ILE A 169 -5.21 -17.80 -12.78
C ILE A 169 -5.28 -17.18 -11.37
N ILE A 170 -5.01 -18.00 -10.35
CA ILE A 170 -5.05 -17.63 -8.90
C ILE A 170 -3.67 -17.98 -8.35
N ASN A 171 -2.88 -16.96 -8.04
CA ASN A 171 -1.57 -17.10 -7.41
C ASN A 171 -1.83 -17.12 -5.89
N MET A 172 -1.03 -17.88 -5.16
CA MET A 172 -1.04 -17.92 -3.67
C MET A 172 0.09 -16.99 -3.18
N ALA A 173 -0.33 -15.85 -2.58
CA ALA A 173 0.63 -14.90 -1.93
C ALA A 173 0.64 -15.26 -0.43
N SER A 174 0.43 -14.35 0.48
CA SER A 174 0.68 -14.54 1.93
C SER A 174 0.73 -13.14 2.56
N GLN A 175 0.31 -13.06 3.81
CA GLN A 175 0.62 -11.88 4.61
C GLN A 175 2.11 -11.61 4.45
N ALA A 176 2.96 -12.65 4.31
CA ALA A 176 4.43 -12.52 4.30
C ALA A 176 4.87 -11.67 3.11
N GLY A 177 4.08 -11.65 2.06
CA GLY A 177 4.31 -10.84 0.86
C GLY A 177 3.80 -9.43 0.96
N ARG A 178 3.02 -9.11 1.99
CA ARG A 178 2.55 -7.69 2.24
C ARG A 178 3.64 -6.84 2.95
N ARG A 179 4.51 -7.43 3.77
CA ARG A 179 5.42 -6.69 4.68
C ARG A 179 6.48 -7.70 5.11
N GLY A 180 7.72 -7.23 5.21
CA GLY A 180 8.87 -8.02 5.61
C GLY A 180 8.78 -8.36 7.09
N GLU A 181 9.60 -9.29 7.46
CA GLU A 181 9.81 -9.81 8.84
C GLU A 181 11.31 -10.07 9.01
N ALA A 182 11.90 -9.59 10.10
CA ALA A 182 13.34 -9.70 10.48
C ALA A 182 13.91 -11.07 10.10
N LEU A 183 13.17 -12.15 10.37
CA LEU A 183 13.70 -13.54 10.28
C LEU A 183 13.19 -14.26 9.03
N VAL A 184 12.39 -13.64 8.16
CA VAL A 184 11.70 -14.37 7.03
C VAL A 184 11.90 -13.59 5.72
N ALA A 185 13.10 -13.04 5.54
CA ALA A 185 13.45 -12.18 4.40
C ALA A 185 13.19 -12.88 3.10
N ILE A 186 13.66 -14.10 3.07
CA ILE A 186 13.62 -14.85 1.79
C ILE A 186 12.17 -15.16 1.49
N TYR A 187 11.44 -15.74 2.42
CA TYR A 187 10.06 -16.19 2.07
C TYR A 187 9.14 -14.99 1.77
N CYS A 188 9.27 -13.96 2.59
CA CYS A 188 8.57 -12.64 2.40
C CYS A 188 8.89 -12.13 1.00
N ALA A 189 10.18 -12.05 0.65
CA ALA A 189 10.54 -11.53 -0.68
C ALA A 189 9.85 -12.36 -1.76
N THR A 190 9.84 -13.67 -1.66
CA THR A 190 9.21 -14.50 -2.74
C THR A 190 7.75 -14.13 -2.87
N LYS A 191 7.05 -13.96 -1.77
CA LYS A 191 5.62 -13.64 -1.79
C LYS A 191 5.36 -12.20 -2.25
N ALA A 192 6.23 -11.23 -1.95
CA ALA A 192 6.23 -9.88 -2.52
C ALA A 192 6.42 -9.93 -4.05
N ALA A 193 7.36 -10.75 -4.53
CA ALA A 193 7.56 -10.96 -5.96
C ALA A 193 6.25 -11.57 -6.54
N VAL A 194 5.61 -12.49 -5.86
CA VAL A 194 4.35 -13.13 -6.40
C VAL A 194 3.25 -12.08 -6.55
N ILE A 195 3.16 -11.16 -5.57
CA ILE A 195 2.13 -10.08 -5.64
C ILE A 195 2.40 -9.22 -6.88
N SER A 196 3.67 -8.80 -7.06
CA SER A 196 4.08 -7.99 -8.21
C SER A 196 3.77 -8.76 -9.51
N LEU A 197 4.19 -10.03 -9.60
CA LEU A 197 3.96 -10.93 -10.76
C LEU A 197 2.46 -11.05 -11.03
N THR A 198 1.65 -11.06 -9.98
CA THR A 198 0.18 -11.16 -10.12
C THR A 198 -0.30 -9.90 -10.87
N GLN A 199 0.34 -8.77 -10.58
CA GLN A 199 -0.17 -7.50 -11.09
C GLN A 199 0.19 -7.44 -12.57
N SER A 200 1.46 -7.72 -12.88
CA SER A 200 2.09 -7.69 -14.22
C SER A 200 1.35 -8.59 -15.20
N ALA A 201 1.18 -9.86 -14.82
CA ALA A 201 0.54 -10.90 -15.62
C ALA A 201 -0.94 -10.54 -15.77
N GLY A 202 -1.62 -10.11 -14.70
CA GLY A 202 -3.02 -9.70 -14.88
C GLY A 202 -3.17 -8.59 -15.90
N LEU A 203 -2.27 -7.59 -15.91
CA LEU A 203 -2.41 -6.48 -16.88
C LEU A 203 -2.10 -7.02 -18.26
N ASP A 204 -1.17 -7.96 -18.39
CA ASP A 204 -0.64 -8.42 -19.69
C ASP A 204 -1.71 -9.41 -20.27
N LEU A 205 -2.49 -10.08 -19.45
CA LEU A 205 -3.28 -11.25 -19.92
C LEU A 205 -4.77 -10.97 -20.01
N ILE A 206 -5.25 -9.88 -19.44
CA ILE A 206 -6.70 -9.55 -19.41
C ILE A 206 -7.21 -9.35 -20.86
N LYS A 207 -6.34 -8.91 -21.78
CA LYS A 207 -6.77 -8.82 -23.20
C LYS A 207 -7.22 -10.20 -23.71
N HIS A 208 -6.73 -11.33 -23.17
CA HIS A 208 -7.16 -12.67 -23.62
C HIS A 208 -8.31 -13.19 -22.74
N ARG A 209 -8.90 -12.32 -21.91
CA ARG A 209 -9.97 -12.68 -20.93
C ARG A 209 -9.42 -13.73 -19.94
N ILE A 210 -8.15 -13.59 -19.65
CA ILE A 210 -7.52 -14.30 -18.50
C ILE A 210 -7.45 -13.37 -17.31
N ASN A 211 -8.13 -13.72 -16.25
CA ASN A 211 -8.00 -13.05 -14.95
C ASN A 211 -6.79 -13.62 -14.22
N VAL A 212 -5.85 -12.78 -13.83
CA VAL A 212 -4.83 -13.17 -12.84
C VAL A 212 -5.07 -12.34 -11.58
N ASN A 213 -5.14 -13.05 -10.46
CA ASN A 213 -5.33 -12.46 -9.12
C ASN A 213 -4.60 -13.36 -8.17
N ALA A 214 -4.60 -13.04 -6.88
CA ALA A 214 -3.90 -13.86 -5.89
C ALA A 214 -4.72 -13.83 -4.62
N ILE A 215 -4.48 -14.84 -3.80
CA ILE A 215 -4.99 -14.90 -2.42
C ILE A 215 -3.80 -14.83 -1.53
N ALA A 216 -4.02 -14.14 -0.40
CA ALA A 216 -3.02 -13.89 0.66
C ALA A 216 -3.61 -14.36 1.97
N PRO A 217 -3.39 -15.65 2.27
CA PRO A 217 -3.73 -16.21 3.58
C PRO A 217 -2.96 -15.53 4.68
N GLY A 218 -3.51 -15.72 5.87
CA GLY A 218 -2.89 -15.25 7.11
C GLY A 218 -1.98 -16.30 7.65
N VAL A 219 -2.26 -16.69 8.88
CA VAL A 219 -1.66 -17.87 9.55
C VAL A 219 -2.70 -19.00 9.49
N VAL A 220 -2.36 -20.02 8.76
CA VAL A 220 -3.23 -21.20 8.56
C VAL A 220 -2.65 -22.39 9.34
N ASP A 221 -3.48 -22.97 10.18
CA ASP A 221 -3.18 -24.22 10.92
C ASP A 221 -2.96 -25.36 9.91
N GLY A 222 -2.04 -26.27 10.25
CA GLY A 222 -1.75 -27.53 9.54
C GLY A 222 -0.26 -27.87 9.53
N GLU A 223 0.09 -28.97 8.86
CA GLU A 223 1.49 -29.36 8.53
C GLU A 223 2.38 -28.10 8.34
N HIS A 224 2.06 -27.26 7.34
CA HIS A 224 2.80 -26.00 7.03
C HIS A 224 3.18 -25.29 8.33
N TRP A 225 2.19 -24.92 9.14
CA TRP A 225 2.43 -24.03 10.33
C TRP A 225 3.10 -24.84 11.45
N ASP A 226 3.09 -26.17 11.37
CA ASP A 226 3.89 -27.00 12.32
C ASP A 226 5.36 -26.70 12.07
N GLY A 227 5.77 -26.74 10.79
CA GLY A 227 7.15 -26.49 10.36
C GLY A 227 7.60 -25.09 10.69
N VAL A 228 6.80 -24.08 10.28
CA VAL A 228 7.00 -22.64 10.59
C VAL A 228 7.31 -22.54 12.09
N ASP A 229 6.53 -23.18 12.92
CA ASP A 229 6.61 -23.07 14.40
C ASP A 229 7.95 -23.62 14.89
N ALA A 230 8.43 -24.72 14.31
CA ALA A 230 9.73 -25.34 14.64
C ALA A 230 10.85 -24.36 14.33
N LEU A 231 10.78 -23.70 13.17
CA LEU A 231 11.84 -22.71 12.82
C LEU A 231 11.87 -21.58 13.85
N PHE A 232 10.71 -21.05 14.25
CA PHE A 232 10.64 -19.92 15.22
C PHE A 232 11.07 -20.42 16.61
N ALA A 233 10.58 -21.60 16.99
CA ALA A 233 11.01 -22.29 18.23
C ALA A 233 12.53 -22.16 18.30
N ARG A 234 13.24 -22.50 17.24
CA ARG A 234 14.71 -22.46 17.29
C ARG A 234 15.20 -21.02 17.46
N TYR A 235 14.85 -20.10 16.55
CA TYR A 235 15.52 -18.77 16.43
C TYR A 235 14.99 -17.80 17.48
N GLU A 236 13.74 -17.95 17.91
CA GLU A 236 13.19 -17.05 18.96
C GLU A 236 13.31 -17.70 20.33
N ASN A 237 13.81 -18.94 20.39
CA ASN A 237 14.14 -19.60 21.69
C ASN A 237 12.82 -19.78 22.45
N ARG A 238 12.02 -20.76 22.04
CA ARG A 238 10.63 -20.93 22.49
C ARG A 238 10.31 -22.40 22.42
N PRO A 239 9.42 -22.91 23.31
CA PRO A 239 9.00 -24.30 23.22
C PRO A 239 8.28 -24.52 21.89
N ARG A 240 8.44 -25.72 21.28
CA ARG A 240 7.67 -26.18 20.10
C ARG A 240 6.20 -25.91 20.42
N GLY A 241 5.41 -25.35 19.49
CA GLY A 241 3.97 -25.10 19.67
C GLY A 241 3.64 -23.71 20.23
N GLU A 242 4.55 -23.02 20.90
CA GLU A 242 4.22 -21.69 21.47
C GLU A 242 4.01 -20.67 20.35
N LYS A 243 4.92 -20.59 19.37
CA LYS A 243 4.71 -19.59 18.30
C LYS A 243 3.31 -19.80 17.72
N LYS A 244 2.96 -21.02 17.32
CA LYS A 244 1.70 -21.28 16.58
C LYS A 244 0.49 -20.95 17.46
N ARG A 245 0.61 -21.11 18.77
CA ARG A 245 -0.44 -20.70 19.75
C ARG A 245 -0.59 -19.17 19.73
N LEU A 246 0.50 -18.45 19.97
CA LEU A 246 0.55 -16.98 20.03
C LEU A 246 0.02 -16.37 18.71
N VAL A 247 0.45 -16.83 17.54
CA VAL A 247 0.05 -16.16 16.28
C VAL A 247 -1.45 -16.39 16.08
N GLY A 248 -1.96 -17.57 16.44
CA GLY A 248 -3.39 -17.93 16.26
C GLY A 248 -4.28 -17.06 17.14
N GLU A 249 -3.83 -16.83 18.36
CA GLU A 249 -4.50 -15.91 19.32
C GLU A 249 -4.37 -14.43 18.92
N ALA A 250 -3.39 -14.00 18.12
CA ALA A 250 -3.27 -12.58 17.75
C ALA A 250 -4.08 -12.29 16.46
N VAL A 251 -4.62 -13.32 15.78
CA VAL A 251 -5.49 -13.07 14.59
C VAL A 251 -6.68 -12.28 15.10
N PRO A 252 -6.98 -11.09 14.55
CA PRO A 252 -8.10 -10.28 15.05
C PRO A 252 -9.41 -11.06 15.09
N PHE A 253 -9.65 -11.89 14.08
CA PHE A 253 -10.81 -12.82 14.02
C PHE A 253 -10.85 -13.67 15.29
N GLY A 254 -9.70 -14.11 15.80
CA GLY A 254 -9.62 -14.75 17.13
C GLY A 254 -9.10 -16.18 17.06
N ARG A 255 -8.81 -16.71 15.87
CA ARG A 255 -8.17 -18.03 15.74
C ARG A 255 -7.33 -18.08 14.49
N MET A 256 -6.40 -19.01 14.53
CA MET A 256 -5.66 -19.52 13.36
C MET A 256 -6.65 -19.88 12.27
N GLY A 257 -6.21 -19.67 11.02
CA GLY A 257 -6.93 -20.05 9.80
C GLY A 257 -7.03 -21.57 9.62
N THR A 258 -8.04 -21.97 8.87
CA THR A 258 -8.19 -23.30 8.25
C THR A 258 -8.16 -23.11 6.75
N ALA A 259 -7.87 -24.19 6.02
CA ALA A 259 -7.98 -24.17 4.56
C ALA A 259 -9.46 -23.91 4.13
N GLU A 260 -10.45 -24.18 4.98
CA GLU A 260 -11.88 -24.00 4.61
C GLU A 260 -12.24 -22.49 4.62
N ASP A 261 -11.57 -21.68 5.45
CA ASP A 261 -11.67 -20.20 5.40
C ASP A 261 -11.37 -19.69 3.98
N LEU A 262 -10.57 -20.43 3.23
CA LEU A 262 -10.00 -19.93 1.95
C LEU A 262 -10.79 -20.45 0.76
N THR A 263 -11.54 -21.56 0.87
CA THR A 263 -12.11 -22.18 -0.34
C THR A 263 -13.15 -21.27 -1.04
N GLY A 264 -13.92 -20.48 -0.29
CA GLY A 264 -14.85 -19.45 -0.82
C GLY A 264 -14.14 -18.54 -1.79
N MET A 265 -13.03 -17.89 -1.37
CA MET A 265 -12.34 -17.00 -2.27
C MET A 265 -11.78 -17.78 -3.47
N ALA A 266 -11.15 -18.94 -3.26
CA ALA A 266 -10.62 -19.80 -4.36
C ALA A 266 -11.70 -20.03 -5.41
N ILE A 267 -12.93 -20.35 -5.01
CA ILE A 267 -14.02 -20.60 -5.99
C ILE A 267 -14.37 -19.25 -6.63
N PHE A 268 -14.55 -18.22 -5.81
CA PHE A 268 -15.05 -16.92 -6.30
C PHE A 268 -14.14 -16.47 -7.45
N LEU A 269 -12.81 -16.56 -7.26
CA LEU A 269 -11.80 -15.92 -8.16
C LEU A 269 -11.61 -16.77 -9.41
N ALA A 270 -12.20 -17.96 -9.38
CA ALA A 270 -12.22 -18.87 -10.53
C ALA A 270 -13.58 -18.78 -11.26
N SER A 271 -14.54 -18.05 -10.69
CA SER A 271 -15.96 -18.10 -11.10
C SER A 271 -16.27 -16.86 -11.99
N ALA A 272 -17.37 -16.88 -12.73
CA ALA A 272 -17.79 -15.74 -13.58
C ALA A 272 -17.97 -14.45 -12.72
N GLU A 273 -18.23 -14.59 -11.43
CA GLU A 273 -18.69 -13.46 -10.61
C GLU A 273 -17.48 -12.57 -10.32
N SER A 274 -16.30 -13.02 -10.72
CA SER A 274 -15.02 -12.28 -10.54
C SER A 274 -14.46 -11.82 -11.90
N ASP A 275 -15.24 -11.87 -12.97
CA ASP A 275 -14.75 -11.54 -14.36
C ASP A 275 -14.14 -10.14 -14.41
N TYR A 276 -14.68 -9.17 -13.69
CA TYR A 276 -14.09 -7.81 -13.76
C TYR A 276 -12.92 -7.66 -12.79
N ILE A 277 -12.50 -8.71 -12.06
CA ILE A 277 -11.44 -8.55 -11.05
C ILE A 277 -10.09 -8.87 -11.71
N VAL A 278 -9.13 -7.94 -11.62
CA VAL A 278 -7.87 -8.02 -12.40
C VAL A 278 -6.72 -7.47 -11.54
N SER A 279 -5.69 -8.27 -11.43
CA SER A 279 -4.36 -7.86 -10.94
C SER A 279 -4.44 -7.65 -9.44
N GLN A 280 -5.41 -8.29 -8.77
CA GLN A 280 -5.58 -8.05 -7.30
C GLN A 280 -4.90 -9.13 -6.43
N THR A 281 -4.43 -8.79 -5.25
CA THR A 281 -4.19 -9.75 -4.14
C THR A 281 -5.23 -9.47 -3.05
N TYR A 282 -6.03 -10.47 -2.71
CA TYR A 282 -7.11 -10.39 -1.69
C TYR A 282 -6.60 -11.13 -0.43
N ASN A 283 -6.36 -10.40 0.67
CA ASN A 283 -6.12 -10.99 2.01
C ASN A 283 -7.39 -11.68 2.57
N VAL A 284 -7.24 -12.97 2.94
CA VAL A 284 -8.26 -13.83 3.58
C VAL A 284 -7.57 -14.40 4.80
N ASP A 285 -7.59 -13.67 5.91
CA ASP A 285 -6.56 -13.80 6.94
C ASP A 285 -7.09 -13.45 8.32
N GLY A 286 -8.43 -13.39 8.52
CA GLY A 286 -9.04 -12.88 9.78
C GLY A 286 -8.55 -11.49 10.23
N GLY A 287 -8.13 -10.60 9.34
CA GLY A 287 -7.67 -9.28 9.83
C GLY A 287 -6.18 -9.22 10.02
N ASN A 288 -5.42 -10.27 9.74
CA ASN A 288 -3.97 -10.24 10.02
C ASN A 288 -3.27 -9.14 9.23
N TRP A 289 -3.75 -8.86 8.03
CA TRP A 289 -3.12 -7.79 7.26
C TRP A 289 -4.21 -7.03 6.50
N MET A 290 -4.15 -5.73 6.51
CA MET A 290 -5.30 -5.00 5.93
C MET A 290 -4.86 -4.40 4.62
N SER A 291 -5.41 -4.92 3.53
CA SER A 291 -5.05 -4.29 2.24
C SER A 291 -6.30 -3.82 1.52
N MET B 35 -29.08 -19.62 -6.45
CA MET B 35 -28.02 -19.97 -5.46
C MET B 35 -28.52 -19.78 -4.01
N LYS B 36 -29.17 -18.65 -3.70
CA LYS B 36 -29.80 -18.33 -2.37
C LYS B 36 -28.77 -18.39 -1.24
N ARG B 37 -27.64 -17.69 -1.45
CA ARG B 37 -26.53 -17.55 -0.50
C ARG B 37 -26.85 -16.57 0.63
N LEU B 38 -27.83 -15.70 0.48
CA LEU B 38 -28.28 -14.79 1.57
C LEU B 38 -29.70 -15.18 2.05
N GLU B 39 -30.07 -16.45 1.91
CA GLU B 39 -31.43 -16.95 2.25
C GLU B 39 -31.81 -16.52 3.67
N GLY B 40 -32.93 -15.82 3.83
CA GLY B 40 -33.50 -15.51 5.17
C GLY B 40 -32.72 -14.40 5.87
N LYS B 41 -31.89 -13.68 5.16
CA LYS B 41 -31.13 -12.57 5.76
C LYS B 41 -31.91 -11.29 5.53
N SER B 42 -31.65 -10.33 6.41
CA SER B 42 -32.27 -8.99 6.42
C SER B 42 -31.18 -7.99 6.07
N ALA B 43 -31.26 -7.27 4.93
CA ALA B 43 -30.22 -6.34 4.47
C ALA B 43 -30.81 -4.93 4.48
N LEU B 44 -29.93 -3.94 4.67
CA LEU B 44 -30.19 -2.53 4.34
C LEU B 44 -29.05 -2.00 3.49
N ILE B 45 -29.36 -1.32 2.37
CA ILE B 45 -28.36 -0.70 1.45
C ILE B 45 -28.70 0.79 1.42
N THR B 46 -27.77 1.67 1.84
CA THR B 46 -28.04 3.12 1.78
C THR B 46 -27.96 3.50 0.32
N GLY B 47 -28.69 4.54 -0.09
CA GLY B 47 -28.56 5.11 -1.45
C GLY B 47 -28.92 4.17 -2.58
N SER B 48 -29.94 3.34 -2.38
CA SER B 48 -30.16 2.14 -3.22
C SER B 48 -31.38 2.32 -4.13
N ALA B 49 -32.01 3.52 -4.22
CA ALA B 49 -33.15 3.77 -5.15
C ALA B 49 -32.65 3.69 -6.58
N ARG B 50 -31.36 3.93 -6.78
CA ARG B 50 -30.74 3.87 -8.12
C ARG B 50 -29.25 3.42 -8.10
N GLY B 51 -28.74 3.19 -9.31
CA GLY B 51 -27.33 2.88 -9.60
C GLY B 51 -26.85 1.59 -8.95
N ILE B 52 -25.62 1.64 -8.50
CA ILE B 52 -24.98 0.42 -7.92
C ILE B 52 -25.85 -0.15 -6.80
N GLY B 53 -26.34 0.67 -5.86
CA GLY B 53 -27.05 0.15 -4.68
C GLY B 53 -28.31 -0.57 -5.10
N ARG B 54 -28.97 -0.05 -6.12
CA ARG B 54 -30.20 -0.71 -6.64
C ARG B 54 -29.83 -2.08 -7.24
N ALA B 55 -28.71 -2.20 -7.94
CA ALA B 55 -28.25 -3.47 -8.53
C ALA B 55 -27.95 -4.42 -7.37
N PHE B 56 -27.31 -3.91 -6.30
CA PHE B 56 -27.06 -4.75 -5.09
C PHE B 56 -28.41 -5.19 -4.52
N ALA B 57 -29.38 -4.29 -4.37
CA ALA B 57 -30.62 -4.70 -3.71
C ALA B 57 -31.25 -5.81 -4.56
N GLU B 58 -31.17 -5.66 -5.87
CA GLU B 58 -31.78 -6.60 -6.83
C GLU B 58 -31.11 -7.96 -6.68
N ALA B 59 -29.77 -8.01 -6.59
CA ALA B 59 -28.96 -9.25 -6.50
C ALA B 59 -29.18 -9.90 -5.12
N TYR B 60 -29.22 -9.10 -4.08
CA TYR B 60 -29.46 -9.64 -2.73
C TYR B 60 -30.84 -10.35 -2.76
N VAL B 61 -31.87 -9.72 -3.34
CA VAL B 61 -33.22 -10.34 -3.37
C VAL B 61 -33.14 -11.68 -4.12
N ARG B 62 -32.58 -11.70 -5.32
CA ARG B 62 -32.37 -12.97 -6.07
C ARG B 62 -31.76 -14.03 -5.16
N GLU B 63 -30.84 -13.68 -4.26
CA GLU B 63 -30.10 -14.61 -3.36
C GLU B 63 -30.87 -14.83 -2.05
N GLY B 64 -32.13 -14.43 -1.97
CA GLY B 64 -33.00 -14.85 -0.86
C GLY B 64 -33.13 -13.80 0.23
N ALA B 65 -32.52 -12.63 0.07
CA ALA B 65 -32.46 -11.64 1.18
C ALA B 65 -33.75 -10.81 1.18
N THR B 66 -34.08 -10.27 2.35
CA THR B 66 -35.06 -9.18 2.49
C THR B 66 -34.26 -7.88 2.49
N VAL B 67 -34.65 -6.89 1.67
CA VAL B 67 -33.79 -5.70 1.43
C VAL B 67 -34.56 -4.37 1.61
N ALA B 68 -34.16 -3.62 2.63
CA ALA B 68 -34.47 -2.19 2.84
C ALA B 68 -33.74 -1.36 1.78
N ILE B 69 -34.51 -0.82 0.85
CA ILE B 69 -34.08 0.10 -0.22
C ILE B 69 -34.16 1.45 0.44
N ALA B 70 -33.04 1.90 0.96
CA ALA B 70 -33.01 3.14 1.74
C ALA B 70 -32.45 4.20 0.82
N ASP B 71 -33.10 5.35 0.84
CA ASP B 71 -32.69 6.47 -0.01
C ASP B 71 -33.37 7.71 0.56
N ILE B 72 -32.68 8.83 0.40
CA ILE B 72 -33.30 10.15 0.67
C ILE B 72 -34.51 10.31 -0.26
N ASP B 73 -34.48 9.72 -1.45
CA ASP B 73 -35.61 9.76 -2.42
C ASP B 73 -36.59 8.61 -2.19
N ILE B 74 -37.58 8.78 -1.33
CA ILE B 74 -38.55 7.72 -0.98
C ILE B 74 -39.37 7.37 -2.23
N GLU B 75 -39.72 8.37 -3.04
CA GLU B 75 -40.48 8.18 -4.29
C GLU B 75 -39.78 7.09 -5.12
N ARG B 76 -38.50 7.30 -5.43
CA ARG B 76 -37.73 6.35 -6.27
C ARG B 76 -37.47 5.03 -5.49
N ALA B 77 -37.25 5.07 -4.18
CA ALA B 77 -37.04 3.81 -3.41
C ALA B 77 -38.30 2.94 -3.55
N ARG B 78 -39.45 3.58 -3.45
CA ARG B 78 -40.76 2.89 -3.48
C ARG B 78 -40.88 2.24 -4.84
N GLN B 79 -40.46 2.96 -5.88
CA GLN B 79 -40.58 2.46 -7.27
C GLN B 79 -39.64 1.26 -7.38
N ALA B 80 -38.38 1.41 -6.94
CA ALA B 80 -37.34 0.35 -7.06
C ALA B 80 -37.83 -0.91 -6.33
N ALA B 81 -38.38 -0.77 -5.10
CA ALA B 81 -38.90 -1.91 -4.29
C ALA B 81 -40.06 -2.61 -5.02
N ALA B 82 -40.93 -1.86 -5.70
CA ALA B 82 -42.11 -2.42 -6.39
C ALA B 82 -41.61 -3.25 -7.56
N GLU B 83 -40.60 -2.72 -8.27
CA GLU B 83 -40.02 -3.38 -9.46
C GLU B 83 -39.23 -4.60 -9.00
N ILE B 84 -38.41 -4.48 -7.96
CA ILE B 84 -37.64 -5.67 -7.50
C ILE B 84 -38.58 -6.80 -7.02
N GLY B 85 -39.63 -6.52 -6.27
CA GLY B 85 -40.57 -7.56 -5.80
C GLY B 85 -40.80 -7.46 -4.29
N PRO B 86 -41.65 -8.35 -3.75
CA PRO B 86 -42.10 -8.24 -2.36
C PRO B 86 -41.00 -8.22 -1.28
N ALA B 87 -39.84 -8.83 -1.56
CA ALA B 87 -38.73 -8.94 -0.59
C ALA B 87 -37.96 -7.61 -0.47
N ALA B 88 -38.12 -6.68 -1.40
CA ALA B 88 -37.59 -5.29 -1.27
C ALA B 88 -38.69 -4.41 -0.70
N TYR B 89 -38.31 -3.41 0.05
CA TYR B 89 -39.21 -2.48 0.73
C TYR B 89 -38.41 -1.21 0.96
N ALA B 90 -39.10 -0.08 0.80
CA ALA B 90 -38.52 1.28 0.68
C ALA B 90 -38.40 1.83 2.09
N VAL B 91 -37.32 2.54 2.37
CA VAL B 91 -37.17 3.24 3.67
C VAL B 91 -36.56 4.62 3.38
N GLN B 92 -37.19 5.67 3.90
CA GLN B 92 -36.69 7.05 3.73
C GLN B 92 -35.52 7.18 4.69
N MET B 93 -34.39 7.65 4.19
CA MET B 93 -33.20 7.78 5.04
C MET B 93 -32.32 8.85 4.47
N ASP B 94 -31.80 9.67 5.37
CA ASP B 94 -30.70 10.63 5.18
C ASP B 94 -29.60 10.22 6.16
N VAL B 95 -28.54 9.63 5.62
CA VAL B 95 -27.37 9.13 6.41
C VAL B 95 -26.66 10.31 7.06
N THR B 96 -26.97 11.54 6.67
CA THR B 96 -26.31 12.73 7.31
C THR B 96 -27.01 13.04 8.65
N ARG B 97 -28.15 12.41 8.93
CA ARG B 97 -28.96 12.74 10.15
C ARG B 97 -29.05 11.53 11.10
N GLN B 98 -28.60 11.69 12.34
CA GLN B 98 -28.65 10.59 13.34
C GLN B 98 -30.08 10.05 13.45
N ASP B 99 -31.09 10.92 13.52
CA ASP B 99 -32.49 10.51 13.88
C ASP B 99 -32.99 9.63 12.72
N SER B 100 -32.63 10.02 11.49
CA SER B 100 -32.96 9.30 10.23
C SER B 100 -32.26 7.94 10.17
N ILE B 101 -30.97 7.93 10.45
CA ILE B 101 -30.19 6.65 10.61
C ILE B 101 -30.96 5.75 11.59
N ASP B 102 -31.19 6.20 12.82
CA ASP B 102 -31.75 5.32 13.88
C ASP B 102 -33.16 4.84 13.44
N ALA B 103 -33.95 5.69 12.76
CA ALA B 103 -35.32 5.33 12.30
C ALA B 103 -35.22 4.32 11.15
N ALA B 104 -34.17 4.38 10.32
CA ALA B 104 -34.03 3.39 9.23
C ALA B 104 -33.67 2.03 9.84
N ILE B 105 -32.73 1.96 10.77
CA ILE B 105 -32.40 0.70 11.49
C ILE B 105 -33.66 0.11 12.13
N ALA B 106 -34.46 0.91 12.85
CA ALA B 106 -35.72 0.50 13.52
C ALA B 106 -36.73 -0.05 12.51
N ALA B 107 -36.89 0.64 11.38
CA ALA B 107 -37.79 0.23 10.28
C ALA B 107 -37.37 -1.17 9.83
N THR B 108 -36.08 -1.39 9.76
CA THR B 108 -35.55 -2.70 9.28
C THR B 108 -35.96 -3.76 10.29
N VAL B 109 -35.74 -3.51 11.57
CA VAL B 109 -36.07 -4.50 12.62
C VAL B 109 -37.59 -4.72 12.62
N GLU B 110 -38.38 -3.65 12.45
CA GLU B 110 -39.88 -3.73 12.50
C GLU B 110 -40.37 -4.62 11.34
N HIS B 111 -39.83 -4.38 10.13
CA HIS B 111 -40.26 -5.07 8.88
C HIS B 111 -39.61 -6.44 8.82
N ALA B 112 -38.27 -6.58 8.97
CA ALA B 112 -37.60 -7.88 8.67
C ALA B 112 -37.31 -8.67 9.96
N GLY B 113 -37.58 -8.17 11.16
CA GLY B 113 -37.24 -8.89 12.40
C GLY B 113 -35.83 -8.60 12.88
N GLY B 114 -35.02 -7.87 12.10
CA GLY B 114 -33.64 -7.54 12.51
C GLY B 114 -32.81 -7.07 11.33
N LEU B 115 -31.51 -6.89 11.55
CA LEU B 115 -30.56 -6.45 10.49
C LEU B 115 -29.35 -7.38 10.50
N ASP B 116 -29.05 -7.93 9.34
CA ASP B 116 -27.94 -8.91 9.18
C ASP B 116 -26.83 -8.33 8.31
N ILE B 117 -27.19 -7.54 7.30
CA ILE B 117 -26.24 -7.02 6.26
C ILE B 117 -26.51 -5.53 6.08
N LEU B 118 -25.52 -4.66 6.33
CA LEU B 118 -25.52 -3.23 5.91
C LEU B 118 -24.59 -3.09 4.70
N VAL B 119 -25.05 -2.44 3.66
CA VAL B 119 -24.18 -1.90 2.59
C VAL B 119 -24.28 -0.37 2.64
N ASN B 120 -23.16 0.26 2.99
CA ASN B 120 -22.92 1.72 3.02
C ASN B 120 -22.59 2.22 1.61
N ASN B 121 -23.63 2.48 0.83
CA ASN B 121 -23.60 2.75 -0.62
C ASN B 121 -23.81 4.24 -0.90
N ALA B 122 -24.48 5.00 -0.01
CA ALA B 122 -24.86 6.40 -0.22
C ALA B 122 -23.58 7.21 -0.32
N ALA B 123 -23.44 8.05 -1.34
CA ALA B 123 -22.24 8.88 -1.51
C ALA B 123 -22.60 10.08 -2.37
N LEU B 124 -21.70 11.02 -2.42
CA LEU B 124 -21.82 12.30 -3.14
C LEU B 124 -20.46 12.50 -3.85
N PHE B 125 -20.48 12.95 -5.09
CA PHE B 125 -19.25 13.16 -5.89
C PHE B 125 -19.13 14.64 -6.18
N ASP B 126 -17.91 15.16 -6.06
CA ASP B 126 -17.63 16.53 -6.52
C ASP B 126 -16.17 16.57 -6.96
N LEU B 127 -15.81 17.62 -7.70
CA LEU B 127 -14.45 17.82 -8.28
C LEU B 127 -14.13 19.33 -8.28
N ALA B 128 -12.93 19.71 -7.84
CA ALA B 128 -12.45 21.11 -7.94
C ALA B 128 -10.95 21.08 -7.69
N PRO B 129 -10.17 21.92 -8.39
CA PRO B 129 -8.75 22.09 -8.08
C PRO B 129 -8.63 22.55 -6.61
N ILE B 130 -7.45 22.42 -5.99
CA ILE B 130 -7.17 22.82 -4.56
C ILE B 130 -7.65 24.25 -4.29
N VAL B 131 -7.29 25.17 -5.19
CA VAL B 131 -7.53 26.61 -4.88
C VAL B 131 -9.01 26.93 -5.11
N GLU B 132 -9.83 25.98 -5.58
CA GLU B 132 -11.28 26.21 -5.80
C GLU B 132 -12.18 25.37 -4.90
N ILE B 133 -11.61 24.57 -4.01
CA ILE B 133 -12.43 23.72 -3.12
C ILE B 133 -13.19 24.64 -2.17
N THR B 134 -14.49 24.43 -2.00
CA THR B 134 -15.34 25.21 -1.09
C THR B 134 -15.48 24.47 0.24
N ARG B 135 -15.70 25.21 1.32
CA ARG B 135 -16.12 24.62 2.61
C ARG B 135 -17.42 23.82 2.38
N GLU B 136 -18.30 24.27 1.48
CA GLU B 136 -19.59 23.58 1.24
C GLU B 136 -19.32 22.20 0.61
N SER B 137 -18.39 22.08 -0.35
CA SER B 137 -18.07 20.78 -1.02
C SER B 137 -17.54 19.82 0.05
N TYR B 138 -16.57 20.29 0.82
CA TYR B 138 -15.94 19.50 1.90
C TYR B 138 -17.03 19.06 2.91
N GLU B 139 -17.82 19.99 3.45
CA GLU B 139 -18.78 19.66 4.52
C GLU B 139 -19.76 18.62 3.97
N LYS B 140 -20.33 18.84 2.78
CA LYS B 140 -21.39 17.94 2.24
C LYS B 140 -20.82 16.55 1.86
N LEU B 141 -19.60 16.46 1.29
CA LEU B 141 -19.10 15.12 0.84
C LEU B 141 -18.60 14.39 2.09
N PHE B 142 -17.94 15.09 3.06
CA PHE B 142 -17.56 14.39 4.33
C PHE B 142 -18.82 13.99 5.11
N ALA B 143 -19.92 14.77 5.05
CA ALA B 143 -21.12 14.46 5.87
C ALA B 143 -21.74 13.17 5.33
N ILE B 144 -21.86 13.03 4.00
CA ILE B 144 -22.47 11.79 3.44
C ILE B 144 -21.44 10.65 3.41
N ASN B 145 -20.26 10.85 2.78
CA ASN B 145 -19.35 9.74 2.38
C ASN B 145 -18.65 9.17 3.63
N VAL B 146 -18.40 10.01 4.63
CA VAL B 146 -17.65 9.63 5.86
C VAL B 146 -18.61 9.47 7.03
N ALA B 147 -19.19 10.56 7.53
CA ALA B 147 -20.10 10.54 8.69
C ALA B 147 -21.25 9.60 8.37
N GLY B 148 -21.91 9.71 7.20
CA GLY B 148 -23.07 8.84 6.83
C GLY B 148 -22.68 7.40 6.98
N THR B 149 -21.47 7.06 6.46
CA THR B 149 -20.93 5.68 6.47
C THR B 149 -20.67 5.27 7.95
N LEU B 150 -19.92 6.08 8.68
CA LEU B 150 -19.46 5.70 10.03
C LEU B 150 -20.67 5.51 10.94
N PHE B 151 -21.63 6.46 10.89
CA PHE B 151 -22.71 6.56 11.90
C PHE B 151 -23.79 5.57 11.50
N THR B 152 -23.93 5.19 10.24
CA THR B 152 -24.90 4.12 9.83
C THR B 152 -24.29 2.78 10.27
N LEU B 153 -22.96 2.66 10.12
CA LEU B 153 -22.18 1.45 10.47
C LEU B 153 -22.33 1.24 11.98
N GLN B 154 -22.25 2.33 12.72
CA GLN B 154 -22.36 2.34 14.17
C GLN B 154 -23.75 1.82 14.60
N ALA B 155 -24.79 2.35 13.96
CA ALA B 155 -26.20 2.04 14.29
C ALA B 155 -26.48 0.57 13.93
N ALA B 156 -26.00 0.11 12.77
CA ALA B 156 -26.12 -1.30 12.37
C ALA B 156 -25.32 -2.16 13.32
N ALA B 157 -24.07 -1.79 13.70
CA ALA B 157 -23.24 -2.61 14.64
C ALA B 157 -23.94 -2.78 16.02
N ARG B 158 -24.50 -1.71 16.57
CA ARG B 158 -25.24 -1.82 17.82
C ARG B 158 -26.42 -2.83 17.70
N GLN B 159 -27.23 -2.73 16.64
CA GLN B 159 -28.36 -3.67 16.39
C GLN B 159 -27.82 -5.09 16.24
N MET B 160 -26.69 -5.27 15.56
CA MET B 160 -26.15 -6.63 15.31
C MET B 160 -25.62 -7.23 16.62
N ILE B 161 -25.03 -6.40 17.45
CA ILE B 161 -24.53 -6.84 18.75
C ILE B 161 -25.70 -7.23 19.66
N ALA B 162 -26.72 -6.39 19.73
CA ALA B 162 -27.96 -6.64 20.49
C ALA B 162 -28.48 -8.02 20.10
N GLN B 163 -28.55 -8.32 18.81
CA GLN B 163 -29.17 -9.57 18.30
C GLN B 163 -28.31 -10.78 18.71
N GLY B 164 -26.99 -10.62 18.74
CA GLY B 164 -26.03 -11.67 19.09
C GLY B 164 -25.81 -12.68 18.00
N ARG B 165 -26.13 -12.39 16.73
CA ARG B 165 -25.97 -13.42 15.65
C ARG B 165 -24.87 -13.04 14.65
N GLY B 166 -24.02 -12.06 14.96
CA GLY B 166 -23.07 -11.62 13.97
C GLY B 166 -23.75 -10.81 12.89
N GLY B 167 -23.05 -10.59 11.78
CA GLY B 167 -23.31 -9.46 10.88
C GLY B 167 -22.29 -9.32 9.78
N LYS B 168 -22.71 -8.63 8.72
CA LYS B 168 -21.93 -8.36 7.51
C LYS B 168 -22.11 -6.87 7.24
N ILE B 169 -21.00 -6.12 7.23
CA ILE B 169 -21.04 -4.71 6.82
C ILE B 169 -20.05 -4.57 5.62
N ILE B 170 -20.52 -3.96 4.53
CA ILE B 170 -19.81 -3.70 3.25
C ILE B 170 -19.86 -2.19 3.03
N ASN B 171 -18.72 -1.54 3.19
CA ASN B 171 -18.55 -0.11 2.89
C ASN B 171 -18.24 -0.04 1.39
N MET B 172 -18.65 1.04 0.75
CA MET B 172 -18.34 1.28 -0.68
C MET B 172 -17.18 2.30 -0.66
N ALA B 173 -15.97 1.85 -0.98
CA ALA B 173 -14.81 2.77 -1.21
C ALA B 173 -14.78 3.06 -2.71
N SER B 174 -13.63 3.03 -3.38
CA SER B 174 -13.39 3.64 -4.73
C SER B 174 -11.90 3.61 -5.03
N GLN B 175 -11.57 3.49 -6.30
CA GLN B 175 -10.19 3.74 -6.76
C GLN B 175 -9.74 5.08 -6.17
N ALA B 176 -10.68 6.04 -6.07
CA ALA B 176 -10.41 7.43 -5.61
C ALA B 176 -9.85 7.45 -4.17
N GLY B 177 -10.23 6.47 -3.36
CA GLY B 177 -9.71 6.25 -1.99
C GLY B 177 -8.37 5.56 -1.94
N ARG B 178 -7.89 4.93 -3.02
CA ARG B 178 -6.52 4.29 -3.07
C ARG B 178 -5.42 5.33 -3.31
N ARG B 179 -5.71 6.42 -4.04
CA ARG B 179 -4.66 7.40 -4.43
C ARG B 179 -5.35 8.69 -4.84
N GLY B 180 -4.68 9.81 -4.56
CA GLY B 180 -5.19 11.16 -4.81
C GLY B 180 -5.19 11.42 -6.30
N GLU B 181 -5.91 12.46 -6.67
CA GLU B 181 -6.02 13.07 -8.02
C GLU B 181 -6.00 14.58 -7.85
N ALA B 182 -5.24 15.29 -8.67
CA ALA B 182 -5.12 16.76 -8.68
C ALA B 182 -6.48 17.43 -8.46
N LEU B 183 -7.52 16.96 -9.15
CA LEU B 183 -8.82 17.68 -9.25
C LEU B 183 -9.85 17.08 -8.31
N VAL B 184 -9.56 15.98 -7.58
CA VAL B 184 -10.64 15.25 -6.84
C VAL B 184 -10.21 15.03 -5.36
N ALA B 185 -9.62 16.05 -4.73
CA ALA B 185 -9.03 15.95 -3.37
C ALA B 185 -10.08 15.62 -2.35
N ILE B 186 -11.27 16.20 -2.52
CA ILE B 186 -12.30 15.99 -1.48
C ILE B 186 -12.82 14.59 -1.63
N TYR B 187 -13.25 14.20 -2.82
CA TYR B 187 -13.93 12.88 -2.92
C TYR B 187 -12.94 11.73 -2.60
N CYS B 188 -11.70 11.87 -3.11
CA CYS B 188 -10.55 10.99 -2.81
C CYS B 188 -10.33 10.91 -1.29
N ALA B 189 -10.13 12.03 -0.62
CA ALA B 189 -9.97 11.99 0.85
C ALA B 189 -11.14 11.22 1.49
N THR B 190 -12.41 11.45 1.13
CA THR B 190 -13.56 10.76 1.79
C THR B 190 -13.42 9.25 1.60
N LYS B 191 -13.05 8.80 0.42
CA LYS B 191 -12.99 7.34 0.18
C LYS B 191 -11.73 6.76 0.84
N ALA B 192 -10.66 7.55 0.98
CA ALA B 192 -9.45 7.19 1.77
C ALA B 192 -9.88 7.04 3.23
N ALA B 193 -10.72 7.94 3.71
CA ALA B 193 -11.22 7.83 5.09
C ALA B 193 -12.09 6.56 5.17
N VAL B 194 -12.87 6.23 4.15
CA VAL B 194 -13.76 5.00 4.19
C VAL B 194 -12.95 3.71 4.33
N ILE B 195 -11.79 3.64 3.63
CA ILE B 195 -10.88 2.44 3.65
C ILE B 195 -10.35 2.28 5.06
N SER B 196 -9.94 3.41 5.65
CA SER B 196 -9.42 3.49 7.01
C SER B 196 -10.50 3.05 8.00
N LEU B 197 -11.66 3.68 7.92
CA LEU B 197 -12.84 3.36 8.78
C LEU B 197 -13.14 1.88 8.62
N THR B 198 -12.98 1.36 7.43
CA THR B 198 -13.33 -0.05 7.17
C THR B 198 -12.36 -0.90 8.00
N GLN B 199 -11.11 -0.43 8.06
CA GLN B 199 -10.10 -1.27 8.72
C GLN B 199 -10.37 -1.25 10.24
N SER B 200 -10.49 -0.05 10.81
CA SER B 200 -10.74 0.24 12.24
C SER B 200 -11.96 -0.55 12.75
N ALA B 201 -13.12 -0.38 12.08
CA ALA B 201 -14.41 -0.96 12.47
C ALA B 201 -14.29 -2.48 12.36
N GLY B 202 -13.68 -2.98 11.29
CA GLY B 202 -13.43 -4.41 11.16
C GLY B 202 -12.71 -5.00 12.37
N LEU B 203 -11.60 -4.40 12.80
CA LEU B 203 -10.82 -4.92 13.93
C LEU B 203 -11.69 -4.85 15.19
N ASP B 204 -12.55 -3.85 15.34
CA ASP B 204 -13.28 -3.57 16.61
C ASP B 204 -14.50 -4.52 16.66
N LEU B 205 -15.07 -4.91 15.52
CA LEU B 205 -16.41 -5.51 15.53
C LEU B 205 -16.33 -7.01 15.34
N ILE B 206 -15.18 -7.52 14.94
CA ILE B 206 -15.05 -8.95 14.57
C ILE B 206 -15.23 -9.83 15.85
N LYS B 207 -14.91 -9.35 17.05
CA LYS B 207 -15.26 -10.08 18.32
C LYS B 207 -16.78 -10.43 18.36
N HIS B 208 -17.65 -9.65 17.71
CA HIS B 208 -19.12 -9.88 17.70
C HIS B 208 -19.49 -10.70 16.46
N ARG B 209 -18.48 -11.16 15.71
CA ARG B 209 -18.69 -11.94 14.48
C ARG B 209 -19.38 -11.02 13.45
N ILE B 210 -19.06 -9.73 13.52
CA ILE B 210 -19.49 -8.75 12.48
C ILE B 210 -18.32 -8.55 11.53
N ASN B 211 -18.47 -8.90 10.26
CA ASN B 211 -17.37 -8.63 9.29
C ASN B 211 -17.56 -7.22 8.75
N VAL B 212 -16.50 -6.41 8.80
CA VAL B 212 -16.51 -5.14 8.07
C VAL B 212 -15.43 -5.20 6.98
N ASN B 213 -15.88 -4.95 5.75
CA ASN B 213 -15.01 -4.95 4.56
C ASN B 213 -15.52 -3.84 3.65
N ALA B 214 -14.85 -3.62 2.53
CA ALA B 214 -15.28 -2.58 1.59
C ALA B 214 -15.01 -3.08 0.21
N ILE B 215 -15.79 -2.54 -0.75
CA ILE B 215 -15.57 -2.73 -2.21
C ILE B 215 -15.12 -1.39 -2.75
N ALA B 216 -14.13 -1.45 -3.65
CA ALA B 216 -13.49 -0.29 -4.31
C ALA B 216 -13.67 -0.44 -5.81
N PRO B 217 -14.84 -0.02 -6.37
CA PRO B 217 -15.05 0.04 -7.82
C PRO B 217 -14.02 0.92 -8.53
N GLY B 218 -14.00 0.79 -9.85
CA GLY B 218 -13.15 1.58 -10.74
C GLY B 218 -13.94 2.75 -11.25
N VAL B 219 -14.05 2.81 -12.58
CA VAL B 219 -14.96 3.73 -13.31
C VAL B 219 -16.17 2.89 -13.74
N VAL B 220 -17.32 3.23 -13.20
CA VAL B 220 -18.57 2.50 -13.49
C VAL B 220 -19.51 3.38 -14.29
N ASP B 221 -20.04 2.83 -15.38
CA ASP B 221 -20.99 3.54 -16.29
C ASP B 221 -22.30 3.74 -15.52
N GLY B 222 -23.01 4.84 -15.86
CA GLY B 222 -24.37 5.19 -15.40
C GLY B 222 -24.52 6.69 -15.18
N GLU B 223 -25.65 7.11 -14.59
CA GLU B 223 -25.92 8.52 -14.16
C GLU B 223 -24.72 9.07 -13.37
N HIS B 224 -24.19 8.35 -12.36
CA HIS B 224 -22.99 8.76 -11.58
C HIS B 224 -21.92 9.29 -12.53
N TRP B 225 -21.44 8.47 -13.46
CA TRP B 225 -20.26 8.79 -14.29
C TRP B 225 -20.62 9.87 -15.30
N ASP B 226 -21.90 10.01 -15.65
CA ASP B 226 -22.33 11.15 -16.52
C ASP B 226 -21.99 12.48 -15.84
N GLY B 227 -22.28 12.59 -14.53
CA GLY B 227 -21.96 13.75 -13.68
C GLY B 227 -20.45 13.97 -13.63
N VAL B 228 -19.68 12.92 -13.27
CA VAL B 228 -18.21 12.96 -13.17
C VAL B 228 -17.69 13.61 -14.46
N ASP B 229 -18.19 13.14 -15.58
CA ASP B 229 -17.72 13.50 -16.93
C ASP B 229 -17.98 14.99 -17.15
N ALA B 230 -19.12 15.47 -16.67
CA ALA B 230 -19.54 16.88 -16.82
C ALA B 230 -18.57 17.74 -16.06
N LEU B 231 -18.22 17.31 -14.84
CA LEU B 231 -17.22 18.03 -14.02
C LEU B 231 -15.86 18.11 -14.74
N PHE B 232 -15.35 17.00 -15.29
CA PHE B 232 -14.03 16.98 -15.98
C PHE B 232 -14.12 17.83 -17.26
N ALA B 233 -15.20 17.66 -18.05
CA ALA B 233 -15.47 18.43 -19.30
C ALA B 233 -15.16 19.91 -19.04
N ARG B 234 -15.78 20.46 -17.98
CA ARG B 234 -15.53 21.85 -17.54
C ARG B 234 -14.05 22.03 -17.20
N TYR B 235 -13.46 21.28 -16.26
CA TYR B 235 -12.14 21.67 -15.68
C TYR B 235 -10.97 21.20 -16.54
N GLU B 236 -11.14 20.19 -17.37
CA GLU B 236 -10.06 19.76 -18.28
C GLU B 236 -10.35 20.32 -19.67
N ASN B 237 -11.43 21.12 -19.80
CA ASN B 237 -11.78 21.81 -21.08
C ASN B 237 -11.90 20.72 -22.17
N ARG B 238 -12.98 19.94 -22.14
CA ARG B 238 -13.16 18.72 -22.97
C ARG B 238 -14.63 18.65 -23.36
N PRO B 239 -14.99 18.10 -24.54
CA PRO B 239 -16.41 17.92 -24.88
C PRO B 239 -17.05 16.95 -23.90
N ARG B 240 -18.32 17.17 -23.53
CA ARG B 240 -19.12 16.20 -22.74
C ARG B 240 -18.88 14.81 -23.34
N GLY B 241 -18.82 13.76 -22.52
CA GLY B 241 -18.68 12.37 -22.99
C GLY B 241 -17.24 11.96 -23.31
N GLU B 242 -16.30 12.87 -23.57
CA GLU B 242 -14.92 12.45 -23.90
C GLU B 242 -14.23 11.82 -22.67
N LYS B 243 -14.44 12.37 -21.47
CA LYS B 243 -13.75 11.81 -20.29
C LYS B 243 -14.28 10.39 -20.12
N LYS B 244 -15.59 10.20 -20.11
CA LYS B 244 -16.21 8.86 -19.97
C LYS B 244 -15.61 7.87 -20.96
N ARG B 245 -15.50 8.27 -22.23
CA ARG B 245 -14.89 7.45 -23.31
C ARG B 245 -13.45 7.05 -22.94
N LEU B 246 -12.59 8.02 -22.72
CA LEU B 246 -11.16 7.80 -22.47
C LEU B 246 -10.94 6.90 -21.23
N VAL B 247 -11.76 7.06 -20.21
CA VAL B 247 -11.49 6.48 -18.89
C VAL B 247 -11.90 5.01 -19.03
N GLY B 248 -12.99 4.77 -19.76
CA GLY B 248 -13.54 3.41 -20.00
C GLY B 248 -12.58 2.64 -20.89
N GLU B 249 -11.93 3.35 -21.81
CA GLU B 249 -10.91 2.74 -22.71
C GLU B 249 -9.52 2.57 -22.07
N ALA B 250 -9.25 3.17 -20.92
CA ALA B 250 -7.95 3.02 -20.25
C ALA B 250 -8.03 1.89 -19.21
N VAL B 251 -9.23 1.36 -18.94
CA VAL B 251 -9.37 0.24 -17.97
C VAL B 251 -8.65 -0.94 -18.60
N PRO B 252 -7.66 -1.55 -17.92
CA PRO B 252 -6.94 -2.70 -18.47
C PRO B 252 -7.91 -3.80 -18.96
N PHE B 253 -8.98 -4.07 -18.25
CA PHE B 253 -10.06 -4.99 -18.71
C PHE B 253 -10.57 -4.59 -20.09
N GLY B 254 -10.74 -3.28 -20.33
CA GLY B 254 -10.96 -2.81 -21.70
C GLY B 254 -12.27 -2.06 -21.83
N ARG B 255 -13.01 -1.92 -20.72
CA ARG B 255 -14.30 -1.20 -20.75
C ARG B 255 -14.63 -0.68 -19.37
N MET B 256 -15.36 0.42 -19.42
CA MET B 256 -16.12 0.95 -18.26
C MET B 256 -16.82 -0.19 -17.55
N GLY B 257 -16.81 -0.12 -16.22
CA GLY B 257 -17.56 -1.01 -15.34
C GLY B 257 -19.06 -0.90 -15.52
N THR B 258 -19.77 -1.95 -15.11
CA THR B 258 -21.22 -1.98 -14.88
C THR B 258 -21.43 -2.32 -13.41
N ALA B 259 -22.63 -2.03 -12.93
CA ALA B 259 -23.10 -2.49 -11.61
C ALA B 259 -23.05 -4.03 -11.52
N GLU B 260 -23.36 -4.75 -12.60
CA GLU B 260 -23.37 -6.25 -12.62
C GLU B 260 -21.96 -6.82 -12.31
N ASP B 261 -20.87 -6.09 -12.65
CA ASP B 261 -19.45 -6.50 -12.39
C ASP B 261 -19.24 -6.65 -10.87
N LEU B 262 -20.02 -5.88 -10.10
CA LEU B 262 -19.80 -5.65 -8.66
C LEU B 262 -20.67 -6.62 -7.84
N THR B 263 -21.83 -7.07 -8.36
CA THR B 263 -22.85 -7.76 -7.52
C THR B 263 -22.29 -9.08 -6.97
N GLY B 264 -21.39 -9.74 -7.68
CA GLY B 264 -20.75 -10.96 -7.16
C GLY B 264 -20.02 -10.67 -5.86
N MET B 265 -19.17 -9.62 -5.89
CA MET B 265 -18.42 -9.28 -4.70
C MET B 265 -19.43 -8.88 -3.62
N ALA B 266 -20.49 -8.18 -3.97
CA ALA B 266 -21.42 -7.67 -2.93
C ALA B 266 -22.03 -8.86 -2.20
N ILE B 267 -22.38 -9.93 -2.93
CA ILE B 267 -23.01 -11.13 -2.34
C ILE B 267 -21.95 -11.86 -1.51
N PHE B 268 -20.78 -12.03 -2.08
CA PHE B 268 -19.73 -12.85 -1.46
C PHE B 268 -19.43 -12.32 -0.05
N LEU B 269 -19.25 -11.00 0.06
CA LEU B 269 -18.77 -10.33 1.30
C LEU B 269 -19.92 -10.28 2.30
N ALA B 270 -21.12 -10.60 1.85
CA ALA B 270 -22.31 -10.69 2.71
C ALA B 270 -22.58 -12.16 3.12
N SER B 271 -21.80 -13.09 2.58
CA SER B 271 -22.08 -14.54 2.54
C SER B 271 -21.14 -15.24 3.54
N ALA B 272 -21.51 -16.45 3.96
CA ALA B 272 -20.73 -17.29 4.91
C ALA B 272 -19.34 -17.60 4.31
N GLU B 273 -19.17 -17.51 2.99
CA GLU B 273 -17.89 -17.89 2.35
C GLU B 273 -16.84 -16.80 2.56
N SER B 274 -17.24 -15.65 3.05
CA SER B 274 -16.31 -14.53 3.45
C SER B 274 -16.20 -14.37 4.99
N ASP B 275 -16.48 -15.38 5.80
CA ASP B 275 -16.57 -15.22 7.30
C ASP B 275 -15.21 -14.93 7.90
N TYR B 276 -14.13 -15.40 7.30
CA TYR B 276 -12.75 -15.08 7.79
C TYR B 276 -12.20 -13.79 7.18
N ILE B 277 -12.92 -13.10 6.30
CA ILE B 277 -12.39 -11.87 5.71
C ILE B 277 -12.73 -10.67 6.59
N VAL B 278 -11.71 -9.89 6.95
CA VAL B 278 -11.80 -8.84 8.00
C VAL B 278 -10.91 -7.63 7.64
N SER B 279 -11.53 -6.47 7.59
CA SER B 279 -10.89 -5.15 7.48
C SER B 279 -10.24 -5.01 6.11
N GLN B 280 -10.83 -5.68 5.08
CA GLN B 280 -10.26 -5.56 3.70
C GLN B 280 -11.02 -4.52 2.86
N THR B 281 -10.32 -3.91 1.90
CA THR B 281 -10.90 -3.22 0.72
C THR B 281 -10.43 -4.00 -0.51
N TYR B 282 -11.41 -4.54 -1.22
CA TYR B 282 -11.27 -5.31 -2.49
C TYR B 282 -11.68 -4.39 -3.66
N ASN B 283 -10.68 -4.05 -4.49
CA ASN B 283 -10.81 -3.48 -5.87
C ASN B 283 -11.46 -4.49 -6.85
N VAL B 284 -12.59 -4.05 -7.43
CA VAL B 284 -13.40 -4.74 -8.48
C VAL B 284 -13.52 -3.67 -9.55
N ASP B 285 -12.51 -3.59 -10.39
CA ASP B 285 -12.28 -2.34 -11.14
C ASP B 285 -11.68 -2.61 -12.52
N GLY B 286 -11.66 -3.86 -12.99
CA GLY B 286 -10.93 -4.28 -14.21
C GLY B 286 -9.45 -3.89 -14.27
N GLY B 287 -8.79 -3.80 -13.13
CA GLY B 287 -7.33 -3.56 -13.06
C GLY B 287 -7.02 -2.10 -13.00
N ASN B 288 -8.03 -1.24 -12.78
CA ASN B 288 -7.74 0.21 -12.71
C ASN B 288 -6.84 0.52 -11.54
N TRP B 289 -6.95 -0.25 -10.45
CA TRP B 289 -6.02 0.01 -9.32
C TRP B 289 -5.62 -1.32 -8.71
N MET B 290 -4.35 -1.50 -8.42
CA MET B 290 -3.93 -2.87 -8.02
C MET B 290 -3.59 -2.87 -6.54
N SER B 291 -4.42 -3.53 -5.75
CA SER B 291 -4.12 -3.53 -4.29
C SER B 291 -3.98 -4.99 -3.85
N LYS C 36 31.61 17.59 5.07
CA LYS C 36 30.23 17.93 5.44
C LYS C 36 29.56 16.67 6.00
N ARG C 37 28.41 16.23 5.48
CA ARG C 37 27.46 15.37 6.23
C ARG C 37 27.92 13.92 6.38
N LEU C 38 28.92 13.47 5.58
CA LEU C 38 29.42 12.06 5.49
C LEU C 38 30.91 12.07 5.81
N GLU C 39 31.34 13.08 6.53
CA GLU C 39 32.77 13.32 6.87
C GLU C 39 33.40 12.06 7.46
N GLY C 40 34.47 11.55 6.85
CA GLY C 40 35.24 10.39 7.35
C GLY C 40 34.54 9.04 7.19
N LYS C 41 33.34 8.97 6.59
CA LYS C 41 32.62 7.68 6.36
C LYS C 41 33.17 6.99 5.12
N SER C 42 33.16 5.68 5.19
CA SER C 42 33.57 4.77 4.10
C SER C 42 32.32 4.21 3.45
N ALA C 43 32.18 4.42 2.14
CA ALA C 43 31.01 3.99 1.32
C ALA C 43 31.48 2.97 0.30
N LEU C 44 30.62 1.99 -0.01
CA LEU C 44 30.71 1.24 -1.27
C LEU C 44 29.42 1.40 -2.05
N ILE C 45 29.53 1.71 -3.36
CA ILE C 45 28.30 1.81 -4.21
C ILE C 45 28.45 0.76 -5.33
N THR C 46 27.52 -0.18 -5.42
CA THR C 46 27.58 -1.22 -6.45
C THR C 46 27.22 -0.52 -7.76
N GLY C 47 27.87 -0.95 -8.84
CA GLY C 47 27.55 -0.50 -10.19
C GLY C 47 27.63 0.99 -10.33
N SER C 48 28.67 1.59 -9.78
CA SER C 48 28.82 3.06 -9.70
C SER C 48 29.81 3.63 -10.72
N ALA C 49 30.27 2.88 -11.72
CA ALA C 49 31.11 3.44 -12.78
C ALA C 49 30.29 4.49 -13.56
N ARG C 50 29.01 4.21 -13.86
CA ARG C 50 28.18 5.15 -14.64
C ARG C 50 26.83 5.43 -13.96
N GLY C 51 26.08 6.39 -14.50
CA GLY C 51 24.70 6.75 -14.18
C GLY C 51 24.48 7.16 -12.72
N ILE C 52 23.39 6.69 -12.12
CA ILE C 52 22.91 7.17 -10.79
C ILE C 52 23.96 6.86 -9.73
N GLY C 53 24.48 5.62 -9.75
CA GLY C 53 25.52 5.14 -8.80
C GLY C 53 26.73 6.08 -8.85
N ARG C 54 27.08 6.55 -10.03
CA ARG C 54 28.29 7.40 -10.22
C ARG C 54 28.02 8.80 -9.68
N ALA C 55 26.83 9.34 -9.91
CA ALA C 55 26.40 10.63 -9.34
C ALA C 55 26.42 10.51 -7.82
N PHE C 56 25.96 9.36 -7.28
CA PHE C 56 25.98 9.16 -5.80
C PHE C 56 27.43 9.21 -5.25
N ALA C 57 28.34 8.48 -5.90
CA ALA C 57 29.78 8.44 -5.60
C ALA C 57 30.34 9.87 -5.46
N GLU C 58 30.14 10.69 -6.50
CA GLU C 58 30.63 12.09 -6.58
C GLU C 58 30.00 12.91 -5.45
N ALA C 59 28.68 12.76 -5.22
CA ALA C 59 27.97 13.51 -4.17
C ALA C 59 28.44 13.03 -2.80
N TYR C 60 28.76 11.74 -2.62
CA TYR C 60 29.30 11.26 -1.31
C TYR C 60 30.74 11.83 -1.11
N VAL C 61 31.56 11.85 -2.14
CA VAL C 61 32.94 12.38 -1.99
C VAL C 61 32.88 13.89 -1.63
N ARG C 62 31.93 14.62 -2.23
CA ARG C 62 31.71 16.07 -1.95
C ARG C 62 31.29 16.25 -0.47
N GLU C 63 30.64 15.26 0.14
CA GLU C 63 30.12 15.35 1.54
C GLU C 63 31.12 14.74 2.52
N GLY C 64 32.33 14.41 2.04
CA GLY C 64 33.47 14.10 2.91
C GLY C 64 33.66 12.61 3.05
N ALA C 65 32.93 11.82 2.24
CA ALA C 65 33.08 10.33 2.21
C ALA C 65 34.27 9.88 1.36
N THR C 66 34.87 8.75 1.77
CA THR C 66 35.66 7.87 0.89
C THR C 66 34.66 6.93 0.23
N VAL C 67 34.78 6.67 -1.08
CA VAL C 67 33.82 5.84 -1.85
C VAL C 67 34.55 4.80 -2.70
N ALA C 68 34.24 3.54 -2.46
CA ALA C 68 34.54 2.47 -3.42
C ALA C 68 33.55 2.58 -4.58
N ILE C 69 34.07 2.90 -5.78
CA ILE C 69 33.38 2.82 -7.10
C ILE C 69 33.47 1.36 -7.52
N ALA C 70 32.49 0.55 -7.12
CA ALA C 70 32.46 -0.89 -7.38
C ALA C 70 31.67 -1.10 -8.67
N ASP C 71 32.25 -1.85 -9.60
CA ASP C 71 31.61 -2.06 -10.91
C ASP C 71 32.24 -3.29 -11.52
N ILE C 72 31.44 -4.05 -12.28
CA ILE C 72 32.01 -5.20 -13.02
C ILE C 72 33.06 -4.65 -14.00
N ASP C 73 32.87 -3.45 -14.56
CA ASP C 73 33.78 -2.84 -15.55
C ASP C 73 34.82 -1.97 -14.81
N ILE C 74 35.98 -2.57 -14.53
CA ILE C 74 37.07 -1.98 -13.71
C ILE C 74 37.68 -0.78 -14.45
N GLU C 75 37.72 -0.83 -15.79
CA GLU C 75 38.25 0.26 -16.62
C GLU C 75 37.32 1.49 -16.45
N ARG C 76 36.00 1.33 -16.56
CA ARG C 76 35.04 2.44 -16.33
C ARG C 76 35.14 2.92 -14.88
N ALA C 77 35.30 2.02 -13.90
CA ALA C 77 35.41 2.40 -12.46
C ALA C 77 36.68 3.24 -12.26
N ARG C 78 37.79 2.84 -12.89
CA ARG C 78 39.09 3.54 -12.73
C ARG C 78 38.95 4.97 -13.21
N GLN C 79 38.23 5.15 -14.32
CA GLN C 79 38.04 6.46 -14.97
C GLN C 79 37.19 7.30 -14.02
N ALA C 80 36.11 6.72 -13.51
CA ALA C 80 35.17 7.45 -12.62
C ALA C 80 35.96 7.85 -11.36
N ALA C 81 36.72 6.91 -10.78
CA ALA C 81 37.54 7.14 -9.56
C ALA C 81 38.48 8.34 -9.80
N ALA C 82 39.27 8.31 -10.89
CA ALA C 82 40.23 9.38 -11.27
C ALA C 82 39.52 10.73 -11.45
N GLU C 83 38.32 10.71 -12.03
CA GLU C 83 37.55 11.95 -12.33
C GLU C 83 37.05 12.54 -11.02
N ILE C 84 36.64 11.68 -10.08
CA ILE C 84 35.97 12.12 -8.81
C ILE C 84 37.04 12.66 -7.85
N GLY C 85 38.24 12.08 -7.86
CA GLY C 85 39.36 12.56 -7.04
C GLY C 85 39.80 11.53 -6.00
N PRO C 86 40.87 11.86 -5.25
CA PRO C 86 41.57 10.88 -4.41
C PRO C 86 40.69 10.08 -3.44
N ALA C 87 39.57 10.67 -3.00
CA ALA C 87 38.65 10.05 -2.02
C ALA C 87 37.90 8.87 -2.65
N ALA C 88 37.86 8.80 -3.98
CA ALA C 88 37.16 7.75 -4.77
C ALA C 88 38.17 6.72 -5.28
N TYR C 89 37.88 5.43 -5.12
CA TYR C 89 38.78 4.36 -5.61
C TYR C 89 37.95 3.24 -6.22
N ALA C 90 38.51 2.58 -7.22
CA ALA C 90 37.84 1.62 -8.09
C ALA C 90 37.97 0.25 -7.46
N VAL C 91 36.93 -0.58 -7.54
CA VAL C 91 36.91 -1.97 -7.02
C VAL C 91 36.15 -2.82 -8.06
N GLN C 92 36.82 -3.77 -8.71
CA GLN C 92 36.15 -4.74 -9.61
C GLN C 92 35.19 -5.62 -8.80
N MET C 93 33.96 -5.77 -9.25
CA MET C 93 32.92 -6.42 -8.41
C MET C 93 31.81 -6.96 -9.30
N ASP C 94 31.52 -8.24 -9.13
CA ASP C 94 30.38 -8.94 -9.78
C ASP C 94 29.40 -9.32 -8.66
N VAL C 95 28.38 -8.51 -8.46
CA VAL C 95 27.47 -8.68 -7.30
C VAL C 95 26.73 -10.02 -7.42
N THR C 96 26.79 -10.71 -8.56
CA THR C 96 26.18 -12.06 -8.73
C THR C 96 27.08 -13.17 -8.17
N ARG C 97 28.34 -12.85 -7.83
CA ARG C 97 29.33 -13.85 -7.35
C ARG C 97 29.76 -13.58 -5.89
N GLN C 98 29.56 -14.58 -5.02
CA GLN C 98 29.85 -14.47 -3.57
C GLN C 98 31.31 -14.10 -3.35
N ASP C 99 32.24 -14.78 -4.03
CA ASP C 99 33.70 -14.51 -3.84
C ASP C 99 33.99 -13.06 -4.21
N SER C 100 33.39 -12.55 -5.30
CA SER C 100 33.57 -11.16 -5.76
C SER C 100 33.03 -10.18 -4.70
N ILE C 101 31.85 -10.51 -4.16
CA ILE C 101 31.20 -9.68 -3.12
C ILE C 101 32.15 -9.55 -1.95
N ASP C 102 32.62 -10.68 -1.41
CA ASP C 102 33.45 -10.73 -0.18
C ASP C 102 34.80 -10.01 -0.42
N ALA C 103 35.39 -10.17 -1.61
CA ALA C 103 36.70 -9.55 -1.97
C ALA C 103 36.51 -8.04 -2.05
N ALA C 104 35.33 -7.60 -2.52
CA ALA C 104 35.00 -6.17 -2.64
C ALA C 104 34.84 -5.57 -1.25
N ILE C 105 34.14 -6.25 -0.35
CA ILE C 105 34.00 -5.79 1.06
C ILE C 105 35.42 -5.66 1.67
N ALA C 106 36.24 -6.70 1.52
CA ALA C 106 37.64 -6.78 1.99
C ALA C 106 38.50 -5.66 1.37
N ALA C 107 38.35 -5.35 0.08
CA ALA C 107 39.07 -4.21 -0.55
C ALA C 107 38.64 -2.88 0.10
N THR C 108 37.37 -2.74 0.44
CA THR C 108 36.86 -1.54 1.15
C THR C 108 37.52 -1.40 2.52
N VAL C 109 37.56 -2.47 3.30
CA VAL C 109 38.20 -2.50 4.65
C VAL C 109 39.70 -2.22 4.49
N GLU C 110 40.34 -2.82 3.50
CA GLU C 110 41.80 -2.63 3.30
C GLU C 110 42.00 -1.15 2.99
N HIS C 111 41.32 -0.63 1.96
CA HIS C 111 41.49 0.74 1.46
C HIS C 111 41.00 1.82 2.44
N ALA C 112 39.80 1.70 3.02
CA ALA C 112 39.23 2.76 3.85
C ALA C 112 39.30 2.43 5.34
N GLY C 113 39.60 1.19 5.72
CA GLY C 113 39.70 0.80 7.15
C GLY C 113 38.42 0.18 7.68
N GLY C 114 37.30 0.39 7.00
CA GLY C 114 35.99 -0.17 7.39
C GLY C 114 34.94 0.15 6.36
N LEU C 115 33.69 -0.26 6.56
CA LEU C 115 32.56 0.07 5.65
C LEU C 115 31.44 0.67 6.50
N ASP C 116 31.02 1.91 6.20
CA ASP C 116 29.94 2.58 6.96
C ASP C 116 28.64 2.69 6.15
N ILE C 117 28.75 2.79 4.81
CA ILE C 117 27.55 3.08 3.94
C ILE C 117 27.60 2.14 2.75
N LEU C 118 26.64 1.25 2.59
CA LEU C 118 26.51 0.52 1.31
C LEU C 118 25.37 1.17 0.55
N VAL C 119 25.55 1.46 -0.73
CA VAL C 119 24.42 1.64 -1.70
C VAL C 119 24.40 0.44 -2.68
N ASN C 120 23.35 -0.37 -2.61
CA ASN C 120 23.07 -1.44 -3.60
C ASN C 120 22.49 -0.83 -4.88
N ASN C 121 23.33 -0.41 -5.81
CA ASN C 121 22.89 0.34 -7.02
C ASN C 121 22.93 -0.51 -8.29
N ALA C 122 23.88 -1.43 -8.44
CA ALA C 122 24.02 -2.37 -9.59
C ALA C 122 22.66 -3.01 -9.88
N ALA C 123 22.16 -2.87 -11.10
CA ALA C 123 20.87 -3.47 -11.52
C ALA C 123 20.88 -3.60 -13.04
N LEU C 124 19.94 -4.35 -13.58
CA LEU C 124 19.83 -4.66 -15.00
C LEU C 124 18.36 -4.57 -15.33
N PHE C 125 18.05 -3.92 -16.44
CA PHE C 125 16.67 -3.79 -16.93
C PHE C 125 16.38 -4.83 -18.03
N ASP C 126 15.14 -5.32 -18.05
CA ASP C 126 14.66 -6.07 -19.23
C ASP C 126 13.16 -5.94 -19.29
N LEU C 127 12.67 -6.20 -20.47
CA LEU C 127 11.25 -6.04 -20.77
C LEU C 127 10.84 -7.19 -21.69
N ALA C 128 9.66 -7.72 -21.45
CA ALA C 128 9.04 -8.68 -22.36
C ALA C 128 7.68 -9.09 -21.84
N PRO C 129 6.71 -9.27 -22.73
CA PRO C 129 5.41 -9.79 -22.32
C PRO C 129 5.53 -11.19 -21.72
N ILE C 130 4.50 -11.55 -20.96
CA ILE C 130 4.46 -12.79 -20.11
C ILE C 130 4.82 -14.00 -20.96
N VAL C 131 4.17 -14.14 -22.13
CA VAL C 131 4.32 -15.34 -23.02
C VAL C 131 5.71 -15.34 -23.68
N GLU C 132 6.50 -14.26 -23.59
CA GLU C 132 7.86 -14.22 -24.16
C GLU C 132 8.96 -14.08 -23.12
N ILE C 133 8.64 -14.14 -21.82
CA ILE C 133 9.67 -14.13 -20.74
C ILE C 133 10.52 -15.40 -20.89
N THR C 134 11.83 -15.23 -20.83
CA THR C 134 12.80 -16.34 -20.96
C THR C 134 13.23 -16.69 -19.55
N ARG C 135 13.62 -17.92 -19.31
CA ARG C 135 14.29 -18.26 -18.03
C ARG C 135 15.60 -17.45 -17.99
N GLU C 136 16.17 -17.14 -19.17
CA GLU C 136 17.48 -16.44 -19.18
C GLU C 136 17.29 -15.04 -18.55
N SER C 137 16.24 -14.33 -18.91
CA SER C 137 15.93 -12.98 -18.39
C SER C 137 15.68 -13.07 -16.88
N TYR C 138 14.80 -13.99 -16.49
CA TYR C 138 14.41 -14.21 -15.09
C TYR C 138 15.70 -14.40 -14.26
N GLU C 139 16.57 -15.34 -14.70
CA GLU C 139 17.79 -15.79 -13.97
C GLU C 139 18.79 -14.61 -13.92
N LYS C 140 18.94 -13.86 -15.02
CA LYS C 140 19.85 -12.69 -15.15
C LYS C 140 19.42 -11.56 -14.22
N LEU C 141 18.15 -11.19 -14.24
CA LEU C 141 17.69 -10.00 -13.49
C LEU C 141 17.62 -10.30 -12.00
N PHE C 142 17.18 -11.47 -11.62
CA PHE C 142 17.09 -11.84 -10.19
C PHE C 142 18.51 -11.98 -9.65
N ALA C 143 19.45 -12.56 -10.40
CA ALA C 143 20.81 -12.78 -9.90
C ALA C 143 21.43 -11.42 -9.57
N ILE C 144 21.22 -10.43 -10.43
CA ILE C 144 21.84 -9.14 -10.10
C ILE C 144 20.86 -8.28 -9.23
N ASN C 145 19.59 -8.13 -9.57
CA ASN C 145 18.75 -7.13 -8.87
C ASN C 145 18.39 -7.55 -7.44
N VAL C 146 18.24 -8.84 -7.19
CA VAL C 146 17.77 -9.41 -5.91
C VAL C 146 18.92 -10.08 -5.20
N ALA C 147 19.49 -11.18 -5.72
CA ALA C 147 20.57 -11.92 -5.05
C ALA C 147 21.74 -10.95 -4.88
N GLY C 148 22.01 -10.11 -5.90
CA GLY C 148 23.14 -9.14 -5.87
C GLY C 148 22.97 -8.24 -4.67
N THR C 149 21.76 -7.70 -4.51
CA THR C 149 21.41 -6.72 -3.47
C THR C 149 21.49 -7.44 -2.12
N LEU C 150 20.84 -8.59 -2.01
CA LEU C 150 20.73 -9.39 -0.76
C LEU C 150 22.10 -9.80 -0.23
N PHE C 151 22.97 -10.42 -1.03
CA PHE C 151 24.24 -10.97 -0.50
C PHE C 151 25.29 -9.87 -0.37
N THR C 152 25.20 -8.77 -1.09
CA THR C 152 26.09 -7.60 -0.81
C THR C 152 25.62 -7.00 0.53
N LEU C 153 24.30 -6.86 0.71
CA LEU C 153 23.75 -6.35 1.96
C LEU C 153 24.23 -7.27 3.09
N GLN C 154 24.11 -8.59 2.95
CA GLN C 154 24.58 -9.55 3.98
C GLN C 154 26.06 -9.33 4.31
N ALA C 155 26.89 -9.24 3.27
CA ALA C 155 28.36 -9.10 3.41
C ALA C 155 28.66 -7.79 4.14
N ALA C 156 28.04 -6.69 3.71
CA ALA C 156 28.19 -5.38 4.36
C ALA C 156 27.67 -5.45 5.80
N ALA C 157 26.60 -6.21 6.05
CA ALA C 157 26.00 -6.29 7.40
C ALA C 157 27.03 -6.92 8.35
N ARG C 158 27.50 -8.08 7.96
CA ARG C 158 28.53 -8.84 8.72
C ARG C 158 29.67 -7.91 9.10
N GLN C 159 30.14 -7.10 8.14
CA GLN C 159 31.33 -6.23 8.33
C GLN C 159 30.95 -5.10 9.29
N MET C 160 29.74 -4.60 9.17
CA MET C 160 29.30 -3.47 10.02
C MET C 160 29.11 -4.00 11.44
N ILE C 161 28.57 -5.20 11.57
CA ILE C 161 28.34 -5.82 12.91
C ILE C 161 29.70 -6.01 13.60
N ALA C 162 30.73 -6.42 12.86
CA ALA C 162 32.01 -6.86 13.44
C ALA C 162 32.68 -5.58 13.92
N GLN C 163 32.41 -4.47 13.25
CA GLN C 163 32.96 -3.12 13.54
C GLN C 163 32.31 -2.58 14.82
N GLY C 164 31.03 -2.83 15.03
CA GLY C 164 30.31 -2.40 16.23
C GLY C 164 29.97 -0.93 16.23
N ARG C 165 29.92 -0.29 15.06
CA ARG C 165 29.80 1.19 14.97
C ARG C 165 28.51 1.54 14.24
N GLY C 166 27.61 0.56 13.98
CA GLY C 166 26.41 0.79 13.16
C GLY C 166 26.71 0.97 11.69
N GLY C 167 25.75 1.50 10.93
CA GLY C 167 25.93 1.71 9.49
C GLY C 167 24.65 2.05 8.76
N LYS C 168 24.80 2.26 7.48
CA LYS C 168 23.75 2.74 6.57
C LYS C 168 23.80 1.88 5.33
N ILE C 169 22.67 1.25 5.02
CA ILE C 169 22.45 0.49 3.76
C ILE C 169 21.24 1.11 3.04
N ILE C 170 21.41 1.43 1.77
CA ILE C 170 20.44 2.07 0.84
C ILE C 170 20.36 1.19 -0.37
N ASN C 171 19.23 0.46 -0.47
CA ASN C 171 18.87 -0.32 -1.67
C ASN C 171 18.25 0.63 -2.69
N MET C 172 18.49 0.37 -3.98
CA MET C 172 17.80 1.04 -5.11
C MET C 172 16.61 0.17 -5.54
N ALA C 173 15.43 0.68 -5.24
CA ALA C 173 14.14 0.08 -5.64
C ALA C 173 13.79 0.81 -6.97
N SER C 174 12.54 1.02 -7.29
CA SER C 174 12.02 1.70 -8.51
C SER C 174 10.50 1.84 -8.36
N GLN C 175 9.91 2.78 -9.07
CA GLN C 175 8.45 2.83 -9.22
C GLN C 175 8.02 1.43 -9.65
N ALA C 176 8.85 0.70 -10.43
CA ALA C 176 8.54 -0.62 -11.00
C ALA C 176 8.35 -1.60 -9.85
N GLY C 177 9.04 -1.40 -8.72
CA GLY C 177 8.88 -2.19 -7.47
C GLY C 177 7.52 -1.98 -6.81
N ARG C 178 6.82 -0.92 -7.18
CA ARG C 178 5.68 -0.44 -6.36
C ARG C 178 4.40 -1.06 -6.97
N ARG C 179 4.40 -1.29 -8.28
CA ARG C 179 3.22 -1.83 -9.06
C ARG C 179 3.69 -2.52 -10.34
N GLY C 180 2.97 -3.56 -10.77
CA GLY C 180 3.35 -4.33 -11.92
C GLY C 180 2.92 -3.58 -13.16
N GLU C 181 3.48 -4.02 -14.26
CA GLU C 181 3.28 -3.46 -15.62
C GLU C 181 3.22 -4.67 -16.54
N ALA C 182 2.32 -4.64 -17.53
CA ALA C 182 2.05 -5.67 -18.55
C ALA C 182 3.34 -6.23 -19.17
N LEU C 183 4.34 -5.40 -19.47
CA LEU C 183 5.53 -5.80 -20.27
C LEU C 183 6.76 -5.96 -19.42
N VAL C 184 6.67 -5.73 -18.11
CA VAL C 184 7.89 -5.53 -17.25
C VAL C 184 7.77 -6.45 -16.04
N ALA C 185 7.25 -7.67 -16.20
CA ALA C 185 6.99 -8.52 -15.01
C ALA C 185 8.29 -8.81 -14.26
N ILE C 186 9.36 -9.11 -14.99
CA ILE C 186 10.59 -9.62 -14.32
C ILE C 186 11.19 -8.47 -13.58
N TYR C 187 11.25 -7.32 -14.21
CA TYR C 187 12.02 -6.19 -13.59
C TYR C 187 11.18 -5.62 -12.43
N CYS C 188 9.86 -5.56 -12.61
CA CYS C 188 8.94 -5.13 -11.53
C CYS C 188 9.08 -6.09 -10.34
N ALA C 189 9.10 -7.40 -10.58
CA ALA C 189 9.17 -8.43 -9.55
C ALA C 189 10.52 -8.25 -8.82
N THR C 190 11.63 -8.02 -9.52
CA THR C 190 12.91 -7.87 -8.80
C THR C 190 12.82 -6.67 -7.86
N LYS C 191 12.32 -5.54 -8.30
CA LYS C 191 12.28 -4.33 -7.45
C LYS C 191 11.25 -4.43 -6.34
N ALA C 192 10.18 -5.24 -6.53
CA ALA C 192 9.20 -5.53 -5.49
C ALA C 192 9.89 -6.39 -4.43
N ALA C 193 10.78 -7.29 -4.84
CA ALA C 193 11.51 -8.11 -3.87
C ALA C 193 12.52 -7.21 -3.11
N VAL C 194 13.17 -6.25 -3.79
CA VAL C 194 14.13 -5.28 -3.16
C VAL C 194 13.36 -4.52 -2.07
N ILE C 195 12.17 -4.04 -2.33
CA ILE C 195 11.35 -3.33 -1.28
C ILE C 195 11.15 -4.29 -0.10
N SER C 196 10.78 -5.55 -0.36
CA SER C 196 10.50 -6.55 0.66
C SER C 196 11.77 -6.77 1.49
N LEU C 197 12.85 -7.10 0.82
CA LEU C 197 14.16 -7.36 1.45
C LEU C 197 14.57 -6.18 2.35
N THR C 198 14.35 -4.98 1.84
CA THR C 198 14.69 -3.70 2.54
C THR C 198 13.91 -3.69 3.87
N GLN C 199 12.65 -4.15 3.87
CA GLN C 199 11.84 -4.12 5.11
C GLN C 199 12.44 -5.19 6.04
N SER C 200 12.55 -6.44 5.60
CA SER C 200 13.07 -7.58 6.39
C SER C 200 14.48 -7.25 6.94
N ALA C 201 15.41 -6.90 6.07
CA ALA C 201 16.77 -6.50 6.54
C ALA C 201 16.66 -5.37 7.54
N GLY C 202 15.95 -4.27 7.25
CA GLY C 202 15.95 -3.15 8.22
C GLY C 202 15.48 -3.62 9.57
N LEU C 203 14.47 -4.52 9.66
CA LEU C 203 13.93 -4.94 10.95
C LEU C 203 15.01 -5.74 11.71
N ASP C 204 15.78 -6.56 11.01
CA ASP C 204 16.66 -7.58 11.63
C ASP C 204 18.02 -6.91 11.98
N LEU C 205 18.37 -5.81 11.32
CA LEU C 205 19.72 -5.18 11.46
C LEU C 205 19.64 -3.91 12.31
N ILE C 206 18.44 -3.44 12.64
CA ILE C 206 18.34 -2.16 13.36
C ILE C 206 18.92 -2.37 14.76
N LYS C 207 18.87 -3.59 15.33
CA LYS C 207 19.45 -3.79 16.70
C LYS C 207 20.98 -3.54 16.67
N HIS C 208 21.62 -3.68 15.52
CA HIS C 208 23.07 -3.41 15.29
C HIS C 208 23.30 -1.95 14.93
N ARG C 209 22.25 -1.11 15.00
CA ARG C 209 22.31 0.32 14.63
C ARG C 209 22.64 0.44 13.15
N ILE C 210 22.22 -0.55 12.36
CA ILE C 210 22.32 -0.46 10.89
C ILE C 210 20.93 -0.12 10.37
N ASN C 211 20.85 1.01 9.70
CA ASN C 211 19.60 1.45 9.02
C ASN C 211 19.55 0.83 7.63
N VAL C 212 18.47 0.11 7.31
CA VAL C 212 18.25 -0.39 5.93
C VAL C 212 17.05 0.34 5.36
N ASN C 213 17.28 1.03 4.24
CA ASN C 213 16.25 1.88 3.59
C ASN C 213 16.49 1.75 2.11
N ALA C 214 15.51 2.11 1.30
CA ALA C 214 15.62 2.12 -0.17
C ALA C 214 15.08 3.44 -0.71
N ILE C 215 15.52 3.73 -1.92
CA ILE C 215 15.12 4.87 -2.77
C ILE C 215 14.44 4.26 -3.99
N ALA C 216 13.27 4.77 -4.35
CA ALA C 216 12.53 4.39 -5.58
C ALA C 216 12.46 5.62 -6.47
N PRO C 217 13.43 5.71 -7.41
CA PRO C 217 13.29 6.61 -8.56
C PRO C 217 12.06 6.29 -9.41
N GLY C 218 11.63 7.26 -10.24
CA GLY C 218 10.63 7.01 -11.26
C GLY C 218 11.34 6.81 -12.56
N VAL C 219 11.19 7.75 -13.49
CA VAL C 219 11.76 7.60 -14.86
C VAL C 219 12.92 8.58 -14.82
N VAL C 220 14.14 8.09 -14.91
CA VAL C 220 15.34 8.93 -14.80
C VAL C 220 16.09 8.87 -16.12
N ASP C 221 16.56 10.03 -16.58
CA ASP C 221 17.23 10.17 -17.90
C ASP C 221 18.65 9.59 -17.79
N GLY C 222 19.12 8.97 -18.86
CA GLY C 222 20.50 8.45 -18.94
C GLY C 222 20.55 7.17 -19.75
N GLU C 223 21.70 6.52 -19.74
CA GLU C 223 22.00 5.28 -20.53
C GLU C 223 20.90 4.25 -20.19
N HIS C 224 20.47 4.21 -18.93
CA HIS C 224 19.45 3.24 -18.44
C HIS C 224 18.15 3.42 -19.24
N TRP C 225 17.62 4.64 -19.28
CA TRP C 225 16.28 4.90 -19.88
C TRP C 225 16.42 4.83 -21.41
N ASP C 226 17.58 5.16 -21.97
CA ASP C 226 17.91 4.89 -23.41
C ASP C 226 17.56 3.45 -23.76
N GLY C 227 17.98 2.52 -22.90
CA GLY C 227 17.80 1.07 -23.06
C GLY C 227 16.36 0.73 -22.80
N VAL C 228 15.76 1.36 -21.81
CA VAL C 228 14.32 1.14 -21.50
C VAL C 228 13.50 1.52 -22.73
N ASP C 229 13.76 2.72 -23.26
CA ASP C 229 12.96 3.27 -24.39
C ASP C 229 13.08 2.34 -25.61
N ALA C 230 14.29 1.84 -25.89
CA ALA C 230 14.58 0.94 -27.04
C ALA C 230 13.69 -0.30 -26.96
N LEU C 231 13.51 -0.87 -25.75
CA LEU C 231 12.69 -2.08 -25.53
C LEU C 231 11.22 -1.78 -25.76
N PHE C 232 10.71 -0.66 -25.23
CA PHE C 232 9.30 -0.23 -25.40
C PHE C 232 9.04 0.08 -26.89
N ALA C 233 10.00 0.71 -27.54
CA ALA C 233 9.87 1.02 -29.00
C ALA C 233 9.53 -0.26 -29.76
N ARG C 234 10.17 -1.37 -29.40
CA ARG C 234 9.89 -2.68 -30.03
C ARG C 234 8.47 -3.10 -29.64
N TYR C 235 8.18 -3.24 -28.37
CA TYR C 235 6.97 -3.95 -27.90
C TYR C 235 5.76 -3.06 -28.06
N GLU C 236 5.92 -1.74 -28.04
CA GLU C 236 4.69 -0.91 -28.16
C GLU C 236 4.61 -0.32 -29.55
N ASN C 237 5.58 -0.65 -30.41
CA ASN C 237 5.57 -0.17 -31.83
C ASN C 237 5.63 1.34 -31.85
N ARG C 238 6.78 1.88 -31.44
CA ARG C 238 6.98 3.33 -31.29
C ARG C 238 8.35 3.70 -31.86
N PRO C 239 8.47 4.90 -32.46
CA PRO C 239 9.77 5.46 -32.81
C PRO C 239 10.66 5.55 -31.56
N ARG C 240 11.94 5.18 -31.68
CA ARG C 240 12.96 5.44 -30.61
C ARG C 240 12.79 6.86 -30.07
N GLY C 241 12.71 6.99 -28.74
CA GLY C 241 12.71 8.31 -28.08
C GLY C 241 11.31 8.70 -27.68
N GLU C 242 10.27 8.16 -28.32
CA GLU C 242 8.90 8.56 -28.01
C GLU C 242 8.56 8.18 -26.56
N LYS C 243 8.86 6.94 -26.15
CA LYS C 243 8.48 6.46 -24.78
C LYS C 243 9.10 7.45 -23.79
N LYS C 244 10.39 7.71 -23.94
CA LYS C 244 11.16 8.66 -23.09
C LYS C 244 10.36 9.94 -22.94
N ARG C 245 9.91 10.48 -24.09
CA ARG C 245 9.16 11.74 -24.19
C ARG C 245 7.87 11.62 -23.41
N LEU C 246 7.07 10.60 -23.70
CA LEU C 246 5.74 10.42 -23.05
C LEU C 246 5.89 10.32 -21.53
N VAL C 247 6.86 9.53 -21.06
CA VAL C 247 6.96 9.24 -19.60
C VAL C 247 7.47 10.51 -18.91
N GLY C 248 8.45 11.21 -19.49
CA GLY C 248 8.96 12.48 -18.95
C GLY C 248 7.83 13.46 -18.76
N GLU C 249 6.98 13.60 -19.78
CA GLU C 249 5.87 14.58 -19.82
C GLU C 249 4.76 14.16 -18.88
N ALA C 250 4.58 12.84 -18.61
CA ALA C 250 3.53 12.41 -17.66
C ALA C 250 4.00 12.49 -16.19
N VAL C 251 5.26 12.73 -15.90
CA VAL C 251 5.70 12.98 -14.48
C VAL C 251 4.94 14.22 -14.02
N PRO C 252 4.11 14.14 -12.93
CA PRO C 252 3.41 15.32 -12.42
C PRO C 252 4.36 16.53 -12.35
N PHE C 253 5.54 16.38 -11.77
CA PHE C 253 6.59 17.43 -11.71
C PHE C 253 6.84 18.10 -13.06
N GLY C 254 6.86 17.36 -14.16
CA GLY C 254 6.87 17.97 -15.52
C GLY C 254 8.03 17.54 -16.38
N ARG C 255 8.96 16.73 -15.87
CA ARG C 255 10.07 16.20 -16.70
C ARG C 255 10.57 14.86 -16.17
N MET C 256 11.27 14.15 -17.04
CA MET C 256 12.15 13.02 -16.71
C MET C 256 13.14 13.45 -15.63
N GLY C 257 13.48 12.51 -14.75
CA GLY C 257 14.35 12.76 -13.59
C GLY C 257 15.78 12.76 -14.00
N THR C 258 16.60 13.42 -13.21
CA THR C 258 18.06 13.32 -13.31
C THR C 258 18.60 12.62 -12.06
N ALA C 259 19.84 12.20 -12.12
CA ALA C 259 20.55 11.56 -10.98
C ALA C 259 20.60 12.54 -9.82
N GLU C 260 20.78 13.84 -10.15
CA GLU C 260 20.95 14.99 -9.23
C GLU C 260 19.65 15.18 -8.45
N ASP C 261 18.50 14.75 -8.98
CA ASP C 261 17.21 14.80 -8.20
C ASP C 261 17.36 13.87 -6.96
N LEU C 262 18.21 12.85 -7.04
CA LEU C 262 18.26 11.70 -6.12
C LEU C 262 19.36 11.86 -5.09
N THR C 263 20.38 12.72 -5.35
CA THR C 263 21.56 12.77 -4.43
C THR C 263 21.21 13.30 -3.05
N GLY C 264 20.35 14.31 -2.95
CA GLY C 264 19.80 14.73 -1.65
C GLY C 264 19.41 13.53 -0.80
N MET C 265 18.48 12.72 -1.27
CA MET C 265 17.97 11.62 -0.46
C MET C 265 19.11 10.66 -0.23
N ALA C 266 19.99 10.42 -1.20
CA ALA C 266 21.04 9.38 -1.01
C ALA C 266 21.97 9.78 0.13
N ILE C 267 22.22 11.09 0.19
CA ILE C 267 22.98 11.70 1.31
C ILE C 267 22.17 11.58 2.60
N PHE C 268 20.95 12.07 2.58
CA PHE C 268 20.10 12.11 3.80
C PHE C 268 20.09 10.73 4.45
N LEU C 269 19.90 9.63 3.64
CA LEU C 269 19.66 8.25 4.16
C LEU C 269 20.90 7.57 4.69
N ALA C 270 22.05 8.20 4.47
CA ALA C 270 23.42 7.76 4.84
C ALA C 270 23.97 8.63 5.99
N SER C 271 23.14 9.56 6.48
CA SER C 271 23.48 10.67 7.39
C SER C 271 22.79 10.42 8.72
N ALA C 272 23.20 11.15 9.73
CA ALA C 272 22.67 11.11 11.11
C ALA C 272 21.19 11.55 11.21
N GLU C 273 20.73 12.42 10.35
CA GLU C 273 19.34 12.94 10.41
C GLU C 273 18.35 11.88 9.89
N SER C 274 18.81 10.70 9.47
CA SER C 274 17.90 9.55 9.19
C SER C 274 18.13 8.39 10.17
N ASP C 275 18.74 8.64 11.35
CA ASP C 275 19.01 7.48 12.24
C ASP C 275 17.70 6.80 12.68
N TYR C 276 16.57 7.48 12.81
CA TYR C 276 15.33 6.80 13.29
C TYR C 276 14.56 6.20 12.09
N ILE C 277 15.11 6.23 10.89
CA ILE C 277 14.37 5.86 9.65
C ILE C 277 14.77 4.43 9.32
N VAL C 278 13.76 3.57 9.33
CA VAL C 278 14.00 2.12 9.35
C VAL C 278 12.99 1.44 8.45
N SER C 279 13.49 0.68 7.49
CA SER C 279 12.70 -0.28 6.66
C SER C 279 11.74 0.47 5.74
N GLN C 280 12.14 1.64 5.29
CA GLN C 280 11.25 2.45 4.38
C GLN C 280 11.79 2.41 2.96
N THR C 281 10.87 2.42 1.97
CA THR C 281 11.18 2.80 0.58
C THR C 281 10.62 4.21 0.34
N TYR C 282 11.47 5.14 -0.04
CA TYR C 282 11.05 6.52 -0.31
C TYR C 282 11.09 6.74 -1.84
N ASN C 283 9.95 7.09 -2.43
CA ASN C 283 9.84 7.56 -3.83
C ASN C 283 10.36 9.00 -3.98
N VAL C 284 11.36 9.08 -4.86
CA VAL C 284 11.93 10.33 -5.39
C VAL C 284 11.72 10.31 -6.89
N ASP C 285 10.59 10.83 -7.34
CA ASP C 285 10.10 10.44 -8.69
C ASP C 285 9.21 11.49 -9.35
N GLY C 286 9.13 12.70 -8.82
CA GLY C 286 8.27 13.79 -9.29
C GLY C 286 6.79 13.45 -9.20
N GLY C 287 6.39 12.44 -8.40
CA GLY C 287 4.96 12.16 -8.21
C GLY C 287 4.48 11.02 -9.06
N ASN C 288 5.43 10.36 -9.72
CA ASN C 288 5.13 9.23 -10.61
C ASN C 288 4.38 8.13 -9.85
N TRP C 289 4.73 7.95 -8.56
CA TRP C 289 4.11 6.92 -7.72
C TRP C 289 4.02 7.49 -6.31
N MET C 290 2.91 7.28 -5.69
CA MET C 290 2.59 7.95 -4.42
C MET C 290 2.53 6.88 -3.33
N SER C 291 3.52 6.86 -2.47
CA SER C 291 3.58 5.88 -1.34
C SER C 291 3.70 6.62 -0.01
N LYS D 36 21.81 28.35 7.09
CA LYS D 36 22.08 27.09 6.33
C LYS D 36 20.93 26.80 5.37
N ARG D 37 20.29 25.62 5.43
CA ARG D 37 19.56 24.98 4.30
C ARG D 37 18.21 25.65 4.02
N LEU D 38 17.69 26.44 4.97
CA LEU D 38 16.42 27.19 4.83
C LEU D 38 16.72 28.70 4.91
N GLU D 39 17.91 29.13 4.52
CA GLU D 39 18.37 30.53 4.69
C GLU D 39 17.38 31.50 4.06
N GLY D 40 16.82 32.43 4.85
CA GLY D 40 15.98 33.51 4.31
C GLY D 40 14.59 33.04 3.90
N LYS D 41 14.21 31.81 4.21
CA LYS D 41 12.84 31.28 3.92
C LYS D 41 11.92 31.65 5.06
N SER D 42 10.67 31.93 4.71
CA SER D 42 9.52 32.23 5.59
C SER D 42 8.68 30.96 5.80
N ALA D 43 8.60 30.42 7.02
CA ALA D 43 7.73 29.25 7.32
C ALA D 43 6.59 29.68 8.22
N LEU D 44 5.48 28.96 8.11
CA LEU D 44 4.48 28.93 9.19
C LEU D 44 4.27 27.47 9.62
N ILE D 45 4.26 27.20 10.93
CA ILE D 45 3.92 25.87 11.49
C ILE D 45 2.62 25.94 12.29
N THR D 46 1.57 25.18 11.95
CA THR D 46 0.32 25.25 12.75
C THR D 46 0.60 24.52 14.04
N GLY D 47 0.01 24.94 15.13
CA GLY D 47 0.12 24.21 16.41
C GLY D 47 1.54 24.03 16.91
N SER D 48 2.40 25.03 16.75
CA SER D 48 3.84 24.88 17.05
C SER D 48 4.22 25.54 18.38
N ALA D 49 3.29 25.82 19.30
CA ALA D 49 3.70 26.32 20.64
C ALA D 49 4.44 25.16 21.35
N ARG D 50 3.91 23.93 21.19
CA ARG D 50 4.30 22.71 21.97
C ARG D 50 4.77 21.58 21.04
N GLY D 51 5.49 20.62 21.63
CA GLY D 51 6.00 19.35 21.10
C GLY D 51 6.64 19.41 19.72
N ILE D 52 6.20 18.54 18.80
CA ILE D 52 6.90 18.32 17.51
C ILE D 52 6.95 19.62 16.71
N GLY D 53 5.82 20.31 16.58
CA GLY D 53 5.70 21.63 15.92
C GLY D 53 6.79 22.58 16.45
N ARG D 54 7.05 22.54 17.74
CA ARG D 54 7.96 23.52 18.38
C ARG D 54 9.38 23.12 18.08
N ALA D 55 9.72 21.85 18.20
CA ALA D 55 11.00 21.29 17.72
C ALA D 55 11.20 21.72 16.26
N PHE D 56 10.21 21.55 15.40
CA PHE D 56 10.32 21.99 13.98
C PHE D 56 10.64 23.50 13.87
N ALA D 57 9.90 24.36 14.55
CA ALA D 57 10.14 25.81 14.46
C ALA D 57 11.60 26.08 14.84
N GLU D 58 12.09 25.48 15.92
CA GLU D 58 13.45 25.78 16.44
C GLU D 58 14.50 25.34 15.41
N ALA D 59 14.29 24.14 14.84
CA ALA D 59 15.21 23.51 13.88
C ALA D 59 15.19 24.34 12.60
N TYR D 60 14.05 24.90 12.23
CA TYR D 60 13.98 25.73 11.01
C TYR D 60 14.79 27.04 11.25
N VAL D 61 14.66 27.62 12.45
CA VAL D 61 15.32 28.91 12.81
C VAL D 61 16.83 28.71 12.79
N ARG D 62 17.32 27.56 13.31
CA ARG D 62 18.74 27.14 13.27
C ARG D 62 19.21 27.02 11.81
N GLU D 63 18.32 26.72 10.87
CA GLU D 63 18.68 26.53 9.43
C GLU D 63 18.45 27.82 8.62
N GLY D 64 18.28 28.95 9.32
CA GLY D 64 18.19 30.29 8.71
C GLY D 64 16.76 30.75 8.40
N ALA D 65 15.71 29.99 8.74
CA ALA D 65 14.31 30.39 8.43
C ALA D 65 13.78 31.35 9.49
N THR D 66 12.89 32.23 9.05
CA THR D 66 11.94 32.92 9.92
C THR D 66 10.75 31.98 10.08
N VAL D 67 10.19 31.84 11.28
CA VAL D 67 9.08 30.89 11.50
C VAL D 67 7.95 31.57 12.28
N ALA D 68 6.74 31.57 11.73
CA ALA D 68 5.51 31.90 12.47
C ALA D 68 5.15 30.69 13.33
N ILE D 69 5.14 30.85 14.65
CA ILE D 69 4.71 29.87 15.67
C ILE D 69 3.21 30.09 15.81
N ALA D 70 2.44 29.43 14.96
CA ALA D 70 0.97 29.54 14.90
C ALA D 70 0.41 28.56 15.88
N ASP D 71 -0.38 29.04 16.81
CA ASP D 71 -1.02 28.17 17.81
C ASP D 71 -2.29 28.88 18.27
N ILE D 72 -3.29 28.10 18.62
CA ILE D 72 -4.57 28.60 19.16
C ILE D 72 -4.28 29.21 20.53
N ASP D 73 -3.26 28.75 21.26
CA ASP D 73 -2.82 29.36 22.55
C ASP D 73 -1.70 30.37 22.28
N ILE D 74 -2.05 31.66 22.26
CA ILE D 74 -1.13 32.77 21.89
C ILE D 74 -0.12 32.98 23.03
N GLU D 75 -0.52 32.69 24.27
CA GLU D 75 0.38 32.73 25.45
C GLU D 75 1.52 31.72 25.21
N ARG D 76 1.19 30.48 24.84
CA ARG D 76 2.22 29.41 24.75
C ARG D 76 3.08 29.62 23.51
N ALA D 77 2.51 30.24 22.46
CA ALA D 77 3.19 30.54 21.18
C ALA D 77 4.24 31.64 21.43
N ARG D 78 3.82 32.67 22.15
CA ARG D 78 4.67 33.83 22.54
C ARG D 78 5.89 33.37 23.34
N GLN D 79 5.69 32.43 24.24
CA GLN D 79 6.76 31.87 25.08
C GLN D 79 7.74 31.14 24.15
N ALA D 80 7.21 30.31 23.25
CA ALA D 80 7.96 29.47 22.28
C ALA D 80 8.80 30.40 21.41
N ALA D 81 8.19 31.48 20.92
CA ALA D 81 8.82 32.50 20.05
C ALA D 81 9.95 33.24 20.80
N ALA D 82 9.74 33.60 22.08
CA ALA D 82 10.76 34.29 22.91
C ALA D 82 11.98 33.39 23.10
N GLU D 83 11.74 32.12 23.47
CA GLU D 83 12.78 31.07 23.71
C GLU D 83 13.61 30.79 22.44
N ILE D 84 12.98 30.73 21.27
CA ILE D 84 13.63 30.34 19.98
C ILE D 84 14.49 31.51 19.48
N GLY D 85 14.02 32.73 19.66
CA GLY D 85 14.78 33.96 19.36
C GLY D 85 14.07 34.80 18.29
N PRO D 86 14.72 35.88 17.83
CA PRO D 86 14.09 36.89 17.00
C PRO D 86 13.47 36.36 15.71
N ALA D 87 13.97 35.26 15.12
CA ALA D 87 13.55 34.74 13.80
C ALA D 87 12.18 34.12 13.94
N ALA D 88 11.77 33.74 15.14
CA ALA D 88 10.42 33.18 15.44
C ALA D 88 9.45 34.28 15.94
N TYR D 89 8.18 34.14 15.61
CA TYR D 89 7.13 35.08 16.08
C TYR D 89 5.82 34.32 16.18
N ALA D 90 4.98 34.83 17.06
CA ALA D 90 3.78 34.14 17.54
C ALA D 90 2.64 34.69 16.72
N VAL D 91 1.72 33.80 16.34
CA VAL D 91 0.55 34.06 15.49
C VAL D 91 -0.58 33.24 16.09
N GLN D 92 -1.60 33.93 16.58
CA GLN D 92 -2.85 33.31 17.05
C GLN D 92 -3.54 32.68 15.83
N MET D 93 -3.94 31.42 15.94
CA MET D 93 -4.57 30.75 14.81
C MET D 93 -5.42 29.59 15.32
N ASP D 94 -6.64 29.53 14.83
CA ASP D 94 -7.56 28.38 14.99
C ASP D 94 -7.77 27.82 13.58
N VAL D 95 -7.05 26.75 13.26
CA VAL D 95 -7.08 26.13 11.90
C VAL D 95 -8.51 25.63 11.59
N THR D 96 -9.45 25.58 12.52
CA THR D 96 -10.89 25.24 12.20
C THR D 96 -11.71 26.43 11.66
N ARG D 97 -11.14 27.64 11.69
CA ARG D 97 -11.83 28.88 11.26
C ARG D 97 -11.19 29.53 10.03
N GLN D 98 -11.96 29.64 8.93
CA GLN D 98 -11.45 30.25 7.67
C GLN D 98 -10.81 31.60 7.98
N ASP D 99 -11.54 32.48 8.67
CA ASP D 99 -11.09 33.87 9.00
C ASP D 99 -9.74 33.82 9.72
N SER D 100 -9.57 32.94 10.71
CA SER D 100 -8.31 32.73 11.45
C SER D 100 -7.17 32.28 10.51
N ILE D 101 -7.46 31.32 9.64
CA ILE D 101 -6.52 30.85 8.60
C ILE D 101 -6.06 32.07 7.79
N ASP D 102 -6.99 32.80 7.21
CA ASP D 102 -6.59 33.85 6.26
C ASP D 102 -5.78 34.90 7.03
N ALA D 103 -6.11 35.17 8.31
CA ALA D 103 -5.46 36.23 9.12
C ALA D 103 -4.02 35.79 9.46
N ALA D 104 -3.82 34.50 9.70
CA ALA D 104 -2.48 33.95 10.00
C ALA D 104 -1.58 34.07 8.76
N ILE D 105 -2.07 33.66 7.59
CA ILE D 105 -1.29 33.77 6.31
C ILE D 105 -0.90 35.26 6.13
N ALA D 106 -1.89 36.16 6.24
CA ALA D 106 -1.69 37.61 6.07
C ALA D 106 -0.59 38.05 7.06
N ALA D 107 -0.68 37.61 8.31
CA ALA D 107 0.27 38.03 9.37
C ALA D 107 1.66 37.53 9.00
N THR D 108 1.73 36.36 8.33
CA THR D 108 3.01 35.80 7.84
C THR D 108 3.58 36.70 6.75
N VAL D 109 2.71 37.11 5.83
CA VAL D 109 3.12 38.01 4.72
C VAL D 109 3.60 39.32 5.35
N GLU D 110 2.79 39.92 6.22
CA GLU D 110 3.09 41.22 6.89
C GLU D 110 4.48 41.10 7.51
N HIS D 111 4.75 40.10 8.35
CA HIS D 111 5.99 40.00 9.15
C HIS D 111 7.19 39.65 8.27
N ALA D 112 7.07 38.68 7.36
CA ALA D 112 8.24 38.02 6.76
C ALA D 112 8.32 38.38 5.28
N GLY D 113 7.33 39.08 4.72
CA GLY D 113 7.36 39.47 3.29
C GLY D 113 6.64 38.46 2.41
N GLY D 114 6.32 37.28 2.95
CA GLY D 114 5.76 36.15 2.16
C GLY D 114 5.83 34.85 2.93
N LEU D 115 5.29 33.76 2.34
CA LEU D 115 5.24 32.38 2.88
C LEU D 115 5.96 31.44 1.90
N ASP D 116 7.01 30.75 2.35
CA ASP D 116 7.72 29.73 1.54
C ASP D 116 7.39 28.29 1.96
N ILE D 117 7.23 28.03 3.26
CA ILE D 117 7.09 26.65 3.84
C ILE D 117 5.83 26.66 4.72
N LEU D 118 4.86 25.81 4.46
CA LEU D 118 3.83 25.55 5.48
C LEU D 118 4.12 24.17 6.09
N VAL D 119 4.04 24.02 7.40
CA VAL D 119 3.92 22.70 8.10
C VAL D 119 2.55 22.63 8.78
N ASN D 120 1.67 21.73 8.29
CA ASN D 120 0.35 21.48 8.92
C ASN D 120 0.53 20.49 10.08
N ASN D 121 0.84 21.02 11.26
CA ASN D 121 1.19 20.20 12.44
C ASN D 121 0.05 20.14 13.48
N ALA D 122 -0.82 21.17 13.56
CA ALA D 122 -2.02 21.25 14.44
C ALA D 122 -2.81 19.97 14.29
N ALA D 123 -2.99 19.24 15.36
CA ALA D 123 -3.87 18.03 15.33
C ALA D 123 -4.43 17.79 16.73
N LEU D 124 -5.35 16.87 16.84
CA LEU D 124 -5.98 16.50 18.10
C LEU D 124 -6.16 14.99 18.05
N PHE D 125 -5.82 14.31 19.15
CA PHE D 125 -6.01 12.86 19.32
C PHE D 125 -7.32 12.56 20.05
N ASP D 126 -7.97 11.47 19.66
CA ASP D 126 -9.05 10.89 20.51
C ASP D 126 -9.14 9.39 20.24
N LEU D 127 -9.84 8.69 21.11
CA LEU D 127 -9.89 7.21 21.09
C LEU D 127 -11.25 6.79 21.62
N ALA D 128 -11.80 5.76 21.04
CA ALA D 128 -13.10 5.21 21.51
C ALA D 128 -13.50 4.10 20.57
N PRO D 129 -13.98 2.98 21.14
CA PRO D 129 -14.57 1.92 20.33
C PRO D 129 -15.72 2.41 19.46
N ILE D 130 -15.95 1.69 18.36
CA ILE D 130 -16.93 2.05 17.30
C ILE D 130 -18.28 2.43 17.96
N VAL D 131 -18.78 1.58 18.85
CA VAL D 131 -20.14 1.77 19.44
C VAL D 131 -20.15 2.96 20.42
N GLU D 132 -18.99 3.49 20.86
CA GLU D 132 -18.98 4.67 21.76
C GLU D 132 -18.52 5.93 21.02
N ILE D 133 -18.26 5.86 19.70
CA ILE D 133 -17.79 7.05 18.93
C ILE D 133 -18.93 8.09 18.98
N THR D 134 -18.62 9.33 19.32
CA THR D 134 -19.64 10.42 19.40
C THR D 134 -19.48 11.26 18.15
N ARG D 135 -20.57 11.85 17.70
CA ARG D 135 -20.51 12.89 16.65
C ARG D 135 -19.58 13.99 17.18
N GLU D 136 -19.55 14.25 18.50
CA GLU D 136 -18.70 15.36 18.98
C GLU D 136 -17.24 15.03 18.59
N SER D 137 -16.74 13.81 18.84
CA SER D 137 -15.32 13.47 18.56
C SER D 137 -15.02 13.64 17.06
N TYR D 138 -15.88 13.03 16.25
CA TYR D 138 -15.80 12.99 14.75
C TYR D 138 -15.63 14.42 14.25
N GLU D 139 -16.53 15.33 14.66
CA GLU D 139 -16.58 16.72 14.17
C GLU D 139 -15.33 17.44 14.68
N LYS D 140 -14.93 17.22 15.94
CA LYS D 140 -13.76 17.89 16.55
C LYS D 140 -12.46 17.48 15.82
N LEU D 141 -12.20 16.19 15.66
CA LEU D 141 -10.96 15.69 15.04
C LEU D 141 -10.95 16.00 13.55
N PHE D 142 -12.06 15.84 12.84
CA PHE D 142 -12.14 16.13 11.37
C PHE D 142 -11.92 17.63 11.17
N ALA D 143 -12.53 18.50 12.00
CA ALA D 143 -12.45 19.95 11.80
C ALA D 143 -10.96 20.35 11.88
N ILE D 144 -10.21 19.79 12.81
CA ILE D 144 -8.84 20.33 12.93
C ILE D 144 -7.86 19.44 12.11
N ASN D 145 -7.98 18.11 12.11
CA ASN D 145 -6.93 17.26 11.49
C ASN D 145 -7.05 17.29 9.96
N VAL D 146 -8.25 17.43 9.44
CA VAL D 146 -8.53 17.35 7.99
C VAL D 146 -8.83 18.75 7.49
N ALA D 147 -9.93 19.38 7.94
CA ALA D 147 -10.40 20.66 7.39
C ALA D 147 -9.27 21.66 7.69
N GLY D 148 -8.64 21.55 8.87
CA GLY D 148 -7.60 22.50 9.31
C GLY D 148 -6.37 22.39 8.40
N THR D 149 -5.98 21.17 8.08
CA THR D 149 -4.87 20.89 7.15
C THR D 149 -5.28 21.42 5.78
N LEU D 150 -6.44 21.01 5.29
CA LEU D 150 -6.84 21.28 3.88
C LEU D 150 -6.91 22.80 3.56
N PHE D 151 -7.60 23.56 4.40
CA PHE D 151 -7.92 24.98 4.18
C PHE D 151 -6.71 25.84 4.57
N THR D 152 -5.86 25.39 5.47
CA THR D 152 -4.55 26.07 5.67
C THR D 152 -3.64 25.83 4.46
N LEU D 153 -3.57 24.59 3.99
CA LEU D 153 -2.84 24.27 2.76
C LEU D 153 -3.40 25.14 1.61
N GLN D 154 -4.72 25.24 1.47
CA GLN D 154 -5.36 26.04 0.39
C GLN D 154 -4.91 27.50 0.43
N ALA D 155 -4.88 28.07 1.61
CA ALA D 155 -4.51 29.49 1.85
C ALA D 155 -3.04 29.69 1.54
N ALA D 156 -2.18 28.80 2.02
CA ALA D 156 -0.74 28.86 1.79
C ALA D 156 -0.48 28.70 0.29
N ALA D 157 -1.19 27.78 -0.38
CA ALA D 157 -1.10 27.57 -1.86
C ALA D 157 -1.41 28.87 -2.61
N ARG D 158 -2.54 29.47 -2.29
CA ARG D 158 -3.03 30.67 -2.97
C ARG D 158 -1.93 31.69 -2.86
N GLN D 159 -1.30 31.82 -1.68
CA GLN D 159 -0.26 32.86 -1.39
C GLN D 159 0.99 32.52 -2.19
N MET D 160 1.32 31.23 -2.32
CA MET D 160 2.59 30.81 -2.91
C MET D 160 2.46 30.95 -4.41
N ILE D 161 1.24 30.72 -4.93
CA ILE D 161 0.89 30.89 -6.36
C ILE D 161 1.06 32.37 -6.71
N ALA D 162 0.59 33.28 -5.86
CA ALA D 162 0.55 34.73 -6.11
C ALA D 162 1.98 35.23 -6.06
N GLN D 163 2.85 34.61 -5.26
CA GLN D 163 4.25 35.11 -5.11
C GLN D 163 5.08 34.69 -6.33
N GLY D 164 4.73 33.54 -6.94
CA GLY D 164 5.36 33.01 -8.17
C GLY D 164 6.73 32.38 -7.93
N ARG D 165 7.10 32.04 -6.70
CA ARG D 165 8.48 31.58 -6.36
C ARG D 165 8.44 30.13 -5.89
N GLY D 166 7.30 29.45 -6.01
CA GLY D 166 7.16 28.07 -5.52
C GLY D 166 7.05 27.99 -4.02
N GLY D 167 7.27 26.82 -3.46
CA GLY D 167 6.91 26.57 -2.06
C GLY D 167 7.05 25.12 -1.65
N LYS D 168 6.98 24.92 -0.34
CA LYS D 168 7.09 23.63 0.36
C LYS D 168 5.93 23.54 1.31
N ILE D 169 5.11 22.52 1.15
CA ILE D 169 4.06 22.19 2.15
C ILE D 169 4.28 20.77 2.68
N ILE D 170 4.26 20.62 4.01
CA ILE D 170 4.54 19.37 4.76
C ILE D 170 3.32 19.15 5.65
N ASN D 171 2.51 18.14 5.35
CA ASN D 171 1.37 17.74 6.22
C ASN D 171 1.94 16.79 7.27
N MET D 172 1.43 16.79 8.50
CA MET D 172 1.73 15.75 9.51
C MET D 172 0.67 14.65 9.38
N ALA D 173 1.12 13.49 8.90
CA ALA D 173 0.33 12.25 8.85
C ALA D 173 0.62 11.49 10.17
N SER D 174 0.63 10.19 10.19
CA SER D 174 0.92 9.34 11.38
C SER D 174 0.92 7.90 10.90
N GLN D 175 1.57 7.05 11.65
CA GLN D 175 1.39 5.60 11.43
C GLN D 175 -0.09 5.31 11.46
N ALA D 176 -0.89 6.02 12.28
CA ALA D 176 -2.36 5.82 12.42
C ALA D 176 -3.06 6.05 11.08
N GLY D 177 -2.59 6.94 10.24
CA GLY D 177 -3.14 7.09 8.87
C GLY D 177 -2.75 5.97 7.93
N ARG D 178 -1.87 5.05 8.33
CA ARG D 178 -1.36 4.02 7.40
C ARG D 178 -2.25 2.80 7.52
N ARG D 179 -2.90 2.61 8.64
CA ARG D 179 -3.71 1.37 8.89
C ARG D 179 -4.67 1.67 10.04
N GLY D 180 -5.87 1.06 10.09
CA GLY D 180 -6.81 1.38 11.17
C GLY D 180 -6.50 0.54 12.40
N GLU D 181 -7.14 0.88 13.51
CA GLU D 181 -6.98 0.30 14.87
C GLU D 181 -8.38 0.22 15.45
N ALA D 182 -8.74 -0.89 16.08
CA ALA D 182 -10.02 -1.09 16.76
C ALA D 182 -10.47 0.18 17.50
N LEU D 183 -9.61 0.82 18.31
CA LEU D 183 -10.05 1.87 19.27
C LEU D 183 -9.89 3.26 18.67
N VAL D 184 -9.31 3.41 17.48
CA VAL D 184 -8.75 4.74 17.06
C VAL D 184 -9.33 5.12 15.68
N ALA D 185 -10.62 4.80 15.47
CA ALA D 185 -11.23 4.86 14.13
C ALA D 185 -11.18 6.29 13.65
N ILE D 186 -11.58 7.21 14.51
CA ILE D 186 -11.74 8.63 14.09
C ILE D 186 -10.36 9.19 13.80
N TYR D 187 -9.39 8.92 14.66
CA TYR D 187 -8.08 9.63 14.51
C TYR D 187 -7.32 8.98 13.34
N CYS D 188 -7.41 7.64 13.19
CA CYS D 188 -6.83 6.91 12.05
C CYS D 188 -7.45 7.46 10.74
N ALA D 189 -8.77 7.66 10.69
CA ALA D 189 -9.46 8.14 9.49
C ALA D 189 -8.92 9.55 9.15
N THR D 190 -8.69 10.42 10.13
CA THR D 190 -8.28 11.81 9.81
C THR D 190 -6.91 11.74 9.12
N LYS D 191 -6.02 10.92 9.64
CA LYS D 191 -4.62 10.82 9.18
C LYS D 191 -4.53 10.10 7.83
N ALA D 192 -5.47 9.16 7.54
CA ALA D 192 -5.66 8.51 6.25
C ALA D 192 -6.10 9.58 5.29
N ALA D 193 -6.97 10.50 5.71
CA ALA D 193 -7.48 11.55 4.83
C ALA D 193 -6.33 12.56 4.52
N VAL D 194 -5.48 12.86 5.50
CA VAL D 194 -4.27 13.72 5.34
C VAL D 194 -3.34 13.07 4.29
N ILE D 195 -3.10 11.76 4.35
CA ILE D 195 -2.22 11.13 3.33
C ILE D 195 -2.83 11.31 1.93
N SER D 196 -4.15 11.15 1.82
CA SER D 196 -4.92 11.28 0.57
C SER D 196 -4.82 12.70 0.05
N LEU D 197 -5.12 13.67 0.90
CA LEU D 197 -5.06 15.12 0.58
C LEU D 197 -3.66 15.52 0.13
N THR D 198 -2.65 15.05 0.85
CA THR D 198 -1.20 15.30 0.53
C THR D 198 -0.96 14.80 -0.91
N GLN D 199 -1.62 13.71 -1.32
CA GLN D 199 -1.35 13.17 -2.67
C GLN D 199 -1.99 14.13 -3.70
N SER D 200 -3.29 14.38 -3.55
CA SER D 200 -4.14 15.23 -4.42
C SER D 200 -3.51 16.63 -4.52
N ALA D 201 -3.24 17.27 -3.41
CA ALA D 201 -2.61 18.60 -3.41
C ALA D 201 -1.26 18.56 -4.09
N GLY D 202 -0.37 17.64 -3.73
CA GLY D 202 0.93 17.64 -4.44
C GLY D 202 0.78 17.54 -5.93
N LEU D 203 -0.22 16.76 -6.46
CA LEU D 203 -0.37 16.60 -7.90
C LEU D 203 -0.83 17.93 -8.49
N ASP D 204 -1.72 18.65 -7.81
CA ASP D 204 -2.41 19.84 -8.37
C ASP D 204 -1.44 21.06 -8.29
N LEU D 205 -0.49 21.05 -7.38
CA LEU D 205 0.27 22.26 -7.01
C LEU D 205 1.68 22.15 -7.55
N ILE D 206 2.12 21.00 -8.04
CA ILE D 206 3.52 20.86 -8.51
C ILE D 206 3.73 21.76 -9.74
N LYS D 207 2.69 22.01 -10.55
CA LYS D 207 2.87 22.92 -11.72
C LYS D 207 3.35 24.33 -11.26
N HIS D 208 2.98 24.80 -10.05
CA HIS D 208 3.41 26.08 -9.42
C HIS D 208 4.72 25.91 -8.64
N ARG D 209 5.41 24.78 -8.78
CA ARG D 209 6.70 24.51 -8.11
C ARG D 209 6.44 24.44 -6.60
N ILE D 210 5.25 24.00 -6.20
CA ILE D 210 4.96 23.83 -4.77
C ILE D 210 5.01 22.33 -4.52
N ASN D 211 5.91 21.89 -3.65
CA ASN D 211 6.03 20.47 -3.20
C ASN D 211 5.07 20.21 -2.04
N VAL D 212 4.14 19.27 -2.17
CA VAL D 212 3.29 18.86 -1.04
C VAL D 212 3.67 17.43 -0.69
N ASN D 213 4.02 17.22 0.56
CA ASN D 213 4.51 15.91 1.07
C ASN D 213 4.07 15.90 2.52
N ALA D 214 4.29 14.78 3.19
CA ALA D 214 3.87 14.55 4.59
C ALA D 214 4.90 13.67 5.28
N ILE D 215 4.94 13.79 6.57
CA ILE D 215 5.75 13.00 7.50
C ILE D 215 4.77 12.20 8.33
N ALA D 216 5.03 10.90 8.43
CA ALA D 216 4.26 10.01 9.32
C ALA D 216 5.23 9.53 10.40
N PRO D 217 5.15 10.18 11.57
CA PRO D 217 5.76 9.68 12.78
C PRO D 217 5.08 8.39 13.24
N GLY D 218 5.73 7.67 14.16
CA GLY D 218 5.16 6.48 14.77
C GLY D 218 4.69 6.90 16.13
N VAL D 219 5.38 6.39 17.16
CA VAL D 219 4.97 6.66 18.57
C VAL D 219 6.05 7.61 19.09
N VAL D 220 5.70 8.86 19.28
CA VAL D 220 6.65 9.92 19.73
C VAL D 220 6.36 10.28 21.21
N ASP D 221 7.40 10.28 22.03
CA ASP D 221 7.30 10.65 23.47
C ASP D 221 6.87 12.11 23.52
N GLY D 222 6.03 12.46 24.49
CA GLY D 222 5.75 13.87 24.81
C GLY D 222 4.34 14.00 25.32
N GLU D 223 3.85 15.24 25.41
CA GLU D 223 2.55 15.54 26.05
C GLU D 223 1.43 14.88 25.23
N HIS D 224 1.60 14.71 23.91
CA HIS D 224 0.60 14.06 23.02
C HIS D 224 0.45 12.58 23.45
N TRP D 225 1.54 11.85 23.58
CA TRP D 225 1.47 10.41 23.91
C TRP D 225 1.14 10.21 25.40
N ASP D 226 1.34 11.21 26.28
CA ASP D 226 0.77 11.17 27.67
C ASP D 226 -0.76 11.06 27.58
N GLY D 227 -1.37 11.80 26.65
CA GLY D 227 -2.83 11.80 26.42
C GLY D 227 -3.25 10.51 25.76
N VAL D 228 -2.48 10.04 24.78
CA VAL D 228 -2.75 8.74 24.09
C VAL D 228 -2.78 7.63 25.15
N ASP D 229 -1.74 7.59 25.98
CA ASP D 229 -1.59 6.54 27.01
C ASP D 229 -2.82 6.50 27.93
N ALA D 230 -3.28 7.68 28.38
CA ALA D 230 -4.38 7.83 29.37
C ALA D 230 -5.65 7.19 28.82
N LEU D 231 -5.93 7.43 27.53
CA LEU D 231 -7.11 6.84 26.86
C LEU D 231 -6.98 5.32 26.79
N PHE D 232 -5.84 4.81 26.31
CA PHE D 232 -5.58 3.35 26.21
C PHE D 232 -5.67 2.72 27.61
N ALA D 233 -5.09 3.38 28.61
CA ALA D 233 -5.20 2.96 30.05
C ALA D 233 -6.67 2.67 30.39
N ARG D 234 -7.59 3.56 30.02
CA ARG D 234 -9.02 3.31 30.33
C ARG D 234 -9.54 2.15 29.51
N TYR D 235 -9.34 2.15 28.20
CA TYR D 235 -10.05 1.22 27.28
C TYR D 235 -9.35 -0.13 27.29
N GLU D 236 -8.06 -0.20 27.57
CA GLU D 236 -7.44 -1.55 27.59
C GLU D 236 -7.21 -1.99 29.02
N ASN D 237 -7.74 -1.27 30.00
CA ASN D 237 -7.60 -1.64 31.43
C ASN D 237 -6.14 -1.78 31.80
N ARG D 238 -5.39 -0.69 31.74
CA ARG D 238 -3.93 -0.72 32.00
C ARG D 238 -3.59 0.39 32.98
N PRO D 239 -2.56 0.19 33.82
CA PRO D 239 -1.99 1.28 34.60
C PRO D 239 -1.46 2.35 33.65
N ARG D 240 -1.63 3.63 34.01
CA ARG D 240 -1.08 4.76 33.23
C ARG D 240 0.42 4.50 33.01
N GLY D 241 0.88 4.66 31.77
CA GLY D 241 2.33 4.60 31.45
C GLY D 241 2.70 3.29 30.80
N GLU D 242 1.88 2.24 30.97
CA GLU D 242 2.17 0.90 30.44
C GLU D 242 2.09 0.92 28.91
N LYS D 243 1.04 1.53 28.34
CA LYS D 243 0.90 1.60 26.87
C LYS D 243 2.19 2.23 26.34
N LYS D 244 2.50 3.42 26.83
CA LYS D 244 3.71 4.21 26.47
C LYS D 244 4.90 3.27 26.48
N ARG D 245 5.04 2.47 27.53
CA ARG D 245 6.19 1.54 27.70
C ARG D 245 6.13 0.46 26.63
N LEU D 246 5.02 -0.24 26.54
CA LEU D 246 4.85 -1.33 25.55
C LEU D 246 5.15 -0.80 24.13
N VAL D 247 4.62 0.38 23.73
CA VAL D 247 4.74 0.76 22.30
C VAL D 247 6.20 1.18 22.04
N GLY D 248 6.83 1.97 22.94
CA GLY D 248 8.26 2.36 22.84
C GLY D 248 9.15 1.14 22.62
N GLU D 249 8.88 0.04 23.32
CA GLU D 249 9.66 -1.23 23.29
C GLU D 249 9.35 -2.04 22.03
N ALA D 250 8.12 -1.95 21.48
CA ALA D 250 7.77 -2.64 20.22
C ALA D 250 8.37 -1.92 19.00
N VAL D 251 8.92 -0.71 19.14
CA VAL D 251 9.44 0.02 17.95
C VAL D 251 10.65 -0.79 17.49
N PRO D 252 10.73 -1.27 16.24
CA PRO D 252 11.91 -2.04 15.85
C PRO D 252 13.24 -1.39 16.28
N PHE D 253 13.39 -0.10 16.06
CA PHE D 253 14.57 0.71 16.46
C PHE D 253 14.88 0.55 17.94
N GLY D 254 13.88 0.44 18.82
CA GLY D 254 14.12 0.02 20.21
C GLY D 254 13.72 1.06 21.23
N ARG D 255 13.21 2.21 20.81
CA ARG D 255 12.60 3.16 21.78
C ARG D 255 11.50 3.98 21.09
N MET D 256 10.66 4.55 21.95
CA MET D 256 9.75 5.66 21.65
C MET D 256 10.51 6.79 20.92
N GLY D 257 9.82 7.44 19.98
CA GLY D 257 10.47 8.52 19.21
C GLY D 257 10.59 9.79 20.00
N THR D 258 11.46 10.64 19.49
CA THR D 258 11.58 12.06 19.93
C THR D 258 11.19 12.92 18.72
N ALA D 259 10.91 14.20 19.00
CA ALA D 259 10.71 15.23 17.97
C ALA D 259 12.02 15.42 17.20
N GLU D 260 13.19 15.26 17.85
CA GLU D 260 14.54 15.46 17.25
C GLU D 260 14.78 14.37 16.19
N ASP D 261 14.19 13.19 16.34
CA ASP D 261 14.17 12.12 15.30
C ASP D 261 13.57 12.65 13.98
N LEU D 262 12.66 13.61 14.08
CA LEU D 262 11.83 14.06 12.93
C LEU D 262 12.41 15.31 12.27
N THR D 263 13.33 16.02 12.93
CA THR D 263 13.71 17.37 12.45
C THR D 263 14.47 17.26 11.12
N GLY D 264 15.33 16.26 10.98
CA GLY D 264 16.03 15.97 9.72
C GLY D 264 15.11 16.01 8.54
N MET D 265 14.11 15.14 8.57
CA MET D 265 13.14 15.06 7.49
C MET D 265 12.43 16.40 7.30
N ALA D 266 11.97 17.11 8.35
CA ALA D 266 11.18 18.34 8.17
C ALA D 266 12.02 19.40 7.46
N ILE D 267 13.32 19.41 7.76
CA ILE D 267 14.28 20.28 7.04
C ILE D 267 14.42 19.78 5.60
N PHE D 268 14.78 18.51 5.43
CA PHE D 268 14.97 17.89 4.11
C PHE D 268 13.81 18.27 3.18
N LEU D 269 12.56 18.08 3.62
CA LEU D 269 11.35 18.24 2.75
C LEU D 269 11.00 19.70 2.44
N ALA D 270 11.62 20.64 3.14
CA ALA D 270 11.43 22.08 2.93
C ALA D 270 12.64 22.67 2.21
N SER D 271 13.58 21.82 1.81
CA SER D 271 14.90 22.19 1.24
C SER D 271 14.92 21.83 -0.25
N ALA D 272 15.94 22.36 -0.96
CA ALA D 272 16.09 22.19 -2.42
C ALA D 272 16.43 20.71 -2.73
N GLU D 273 17.00 19.99 -1.76
CA GLU D 273 17.38 18.57 -1.94
C GLU D 273 16.12 17.71 -2.11
N SER D 274 14.90 18.24 -1.92
CA SER D 274 13.64 17.48 -2.13
C SER D 274 12.81 18.13 -3.22
N ASP D 275 13.42 18.92 -4.10
CA ASP D 275 12.58 19.55 -5.17
C ASP D 275 11.84 18.54 -6.05
N TYR D 276 12.39 17.34 -6.34
CA TYR D 276 11.71 16.35 -7.20
C TYR D 276 10.76 15.46 -6.40
N ILE D 277 10.58 15.73 -5.10
CA ILE D 277 9.80 14.84 -4.20
C ILE D 277 8.39 15.40 -4.14
N VAL D 278 7.42 14.62 -4.59
CA VAL D 278 6.06 15.11 -4.78
C VAL D 278 5.07 14.07 -4.30
N SER D 279 4.06 14.52 -3.58
CA SER D 279 2.90 13.69 -3.14
C SER D 279 3.37 12.45 -2.34
N GLN D 280 4.42 12.53 -1.53
CA GLN D 280 4.82 11.34 -0.72
C GLN D 280 4.39 11.46 0.73
N THR D 281 4.06 10.35 1.39
CA THR D 281 4.15 10.29 2.88
C THR D 281 5.39 9.46 3.25
N TYR D 282 6.30 10.04 4.04
CA TYR D 282 7.51 9.35 4.48
C TYR D 282 7.33 9.00 5.97
N ASN D 283 7.29 7.69 6.29
CA ASN D 283 7.44 7.15 7.66
C ASN D 283 8.84 7.39 8.27
N VAL D 284 8.81 8.11 9.41
CA VAL D 284 10.00 8.33 10.26
C VAL D 284 9.61 7.82 11.62
N ASP D 285 9.86 6.55 11.88
CA ASP D 285 9.07 5.86 12.92
C ASP D 285 9.80 4.68 13.54
N GLY D 286 11.10 4.57 13.30
CA GLY D 286 11.88 3.45 13.86
C GLY D 286 11.47 2.09 13.30
N GLY D 287 10.71 2.04 12.20
CA GLY D 287 10.25 0.78 11.59
C GLY D 287 8.85 0.39 12.03
N ASN D 288 8.17 1.26 12.76
CA ASN D 288 6.82 0.91 13.27
C ASN D 288 5.88 0.56 12.13
N TRP D 289 6.07 1.18 10.95
CA TRP D 289 5.19 0.97 9.78
C TRP D 289 6.04 1.11 8.54
N MET D 290 5.90 0.17 7.64
CA MET D 290 6.83 0.03 6.51
C MET D 290 6.09 0.45 5.24
N SER D 291 6.38 1.64 4.75
CA SER D 291 5.81 2.12 3.47
C SER D 291 6.92 2.41 2.45
C1 SOR E . 3.64 -17.96 6.36
C2 SOR E . 3.38 -17.58 7.79
C3 SOR E . 4.41 -16.62 8.43
C4 SOR E . 3.98 -15.35 9.14
C5 SOR E . 5.08 -14.97 10.14
C6 SOR E . 4.87 -15.06 11.66
O1 SOR E . 2.61 -18.81 5.88
O2 SOR E . 2.03 -17.15 7.86
O3 SOR E . 5.41 -16.24 7.50
O4 SOR E . 3.99 -14.21 8.23
O5 SOR E . 6.20 -15.77 9.72
O6 SOR E . 3.53 -14.92 12.21
C1 SOR F . -14.99 7.80 -8.80
C2 SOR F . -14.47 7.97 -10.20
C3 SOR F . -13.37 8.98 -10.49
C4 SOR F . -12.01 8.48 -10.96
C5 SOR F . -11.15 9.64 -11.44
C6 SOR F . -10.47 9.66 -12.83
O1 SOR F . -16.25 7.11 -8.88
O2 SOR F . -14.09 6.69 -10.57
O3 SOR F . -13.12 9.80 -9.33
O4 SOR F . -11.17 8.07 -9.86
O5 SOR F . -11.92 10.76 -11.08
O6 SOR F . -10.93 8.75 -13.85
C1 SOR G . 12.38 1.68 -14.37
C2 SOR G . 11.60 2.53 -15.33
C3 SOR G . 10.42 1.82 -16.03
C4 SOR G . 9.07 2.49 -15.82
C5 SOR G . 8.07 1.93 -16.83
C6 SOR G . 7.67 2.77 -18.06
O1 SOR G . 13.74 2.14 -14.55
O2 SOR G . 11.30 3.74 -14.71
O3 SOR G . 10.33 0.40 -15.69
O4 SOR G . 8.60 2.03 -14.57
O5 SOR G . 8.61 0.62 -17.15
O6 SOR G . 7.09 4.06 -17.80
C1 SOR H . -0.70 8.49 17.13
C2 SOR H . -0.13 7.33 17.90
C3 SOR H . -1.12 6.13 18.05
C4 SOR H . -0.67 4.72 17.67
C5 SOR H . -1.54 3.63 18.33
C6 SOR H . -1.11 2.83 19.56
O1 SOR H . 0.07 9.70 17.20
O2 SOR H . 1.18 6.94 17.51
O3 SOR H . -2.43 6.40 17.49
O4 SOR H . -0.88 4.62 16.26
O5 SOR H . -2.81 4.29 18.61
O6 SOR H . 0.21 2.27 19.51
#